data_5F7L
#
_entry.id   5F7L
#
_cell.length_a   42.402
_cell.length_b   133.715
_cell.length_c   201.623
_cell.angle_alpha   90.00
_cell.angle_beta   90.00
_cell.angle_gamma   90.00
#
_symmetry.space_group_name_H-M   'P 2 21 21'
#
loop_
_entity.id
_entity.type
_entity.pdbx_description
1 polymer 'Adhesin binding fucosylated histo-blood group antigen'
2 polymer 'Nanobody Nb-ER14'
3 non-polymer 'SULFATE ION'
4 water water
#
loop_
_entity_poly.entity_id
_entity_poly.type
_entity_poly.pdbx_seq_one_letter_code
_entity_poly.pdbx_strand_id
1 'polypeptide(L)'
;ASWSHPQFEKSGGGGGLVPRGSGIQDLSDNYENLSKLLTRYSTLNTLIKLSADPSAINAARENLGASAKNLIGDTKNSPA
YQAVLLAINAAVGFWNVLGYATQCGGNANGQESTSSTTIFNNEPGYRSTSITCSLNRYKPGYYGPMSIENFKKLNEAYQI
LQTALNKGLPALKENNGTVSVTYTYTCSGEGNDNCSKKATGVSDQNGGTKTKTQTIDGKTVTTTISSKVVDSQAKGNTTR
VSYTEITNKLDGVPDSAQALLAQASTLINTINTACPYFSVTNKSGGPQMEPTRGKLCGFTEEISAIQKMITDAQELVNQT
SVINEHEQSTPVGGNNGKPFNPFTDASFAQGMLANASAQAKMLNLAHQVGQTINPDNLTGTFKNFVTGFLATCNNKSTAG
TSGTQGSPPGTVTTQTFASGCAYVEQTITNLNNSIAHFGTQEQQIQQAENIADTLVNFGSHHHHHH
;
A,C
2 'polypeptide(L)'
;QVQLQESGGGLVQPGGSLRLSCAASGSIYSLIAMGWYRQAPGKEHELVATISSGSTTYYADSVKGRFTISRDNAKNTLYL
QMNSLKPEDTAMYYCAAYSDRLTDCSNCEADYWGQGTQVTVSHHHHHHH
;
B,D
#
# COMPACT_ATOMS: atom_id res chain seq x y z
N ALA A 56 12.50 31.49 34.72
CA ALA A 56 12.09 30.11 35.11
C ALA A 56 10.77 29.67 34.46
N ILE A 57 9.90 30.64 34.16
CA ILE A 57 8.73 30.40 33.36
C ILE A 57 9.19 29.91 32.00
N ASN A 58 10.19 30.59 31.41
CA ASN A 58 10.74 30.14 30.13
C ASN A 58 11.61 28.87 30.12
N ALA A 59 12.25 28.54 31.25
CA ALA A 59 12.94 27.25 31.42
C ALA A 59 11.93 26.09 31.41
N ALA A 60 10.82 26.27 32.13
CA ALA A 60 9.74 25.31 32.12
C ALA A 60 9.11 25.15 30.73
N ARG A 61 9.23 26.18 29.89
CA ARG A 61 8.73 26.08 28.50
C ARG A 61 9.68 25.33 27.58
N GLU A 62 10.98 25.60 27.70
CA GLU A 62 11.95 24.77 27.00
C GLU A 62 11.85 23.29 27.42
N ASN A 63 11.50 23.07 28.67
CA ASN A 63 11.30 21.71 29.19
C ASN A 63 10.11 20.98 28.60
N LEU A 64 9.00 21.69 28.45
CA LEU A 64 7.80 21.16 27.80
C LEU A 64 8.04 20.91 26.31
N GLY A 65 8.72 21.84 25.64
CA GLY A 65 9.13 21.63 24.26
C GLY A 65 9.98 20.37 24.15
N ALA A 66 10.96 20.23 25.05
CA ALA A 66 11.86 19.07 25.06
C ALA A 66 11.15 17.75 25.30
N SER A 67 10.19 17.74 26.21
CA SER A 67 9.46 16.51 26.56
C SER A 67 8.35 16.20 25.54
N ALA A 68 7.77 17.23 24.90
CA ALA A 68 6.83 16.97 23.80
C ALA A 68 7.54 16.22 22.70
N LYS A 69 8.74 16.68 22.35
CA LYS A 69 9.58 15.99 21.39
C LYS A 69 9.91 14.53 21.80
N ASN A 70 10.23 14.30 23.08
CA ASN A 70 10.45 12.92 23.57
C ASN A 70 9.19 12.06 23.45
N LEU A 71 8.01 12.66 23.63
CA LEU A 71 6.73 11.93 23.50
C LEU A 71 6.19 11.68 22.06
N ILE A 72 6.18 12.72 21.22
CA ILE A 72 5.55 12.64 19.90
C ILE A 72 6.53 12.58 18.72
N GLY A 73 7.78 12.97 18.92
CA GLY A 73 8.80 12.91 17.88
C GLY A 73 9.64 11.64 17.91
N ASP A 74 9.83 11.09 19.09
CA ASP A 74 10.66 9.93 19.26
C ASP A 74 9.80 8.68 19.28
N THR A 75 10.45 7.52 19.29
CA THR A 75 9.74 6.25 19.19
C THR A 75 10.27 5.27 20.21
N LYS A 76 11.45 4.71 19.94
CA LYS A 76 12.12 3.79 20.86
C LYS A 76 11.96 4.19 22.34
N ASN A 77 12.15 5.47 22.62
CA ASN A 77 12.14 5.94 24.00
C ASN A 77 10.95 6.81 24.36
N SER A 78 9.84 6.66 23.66
CA SER A 78 8.62 7.35 23.98
C SER A 78 7.66 6.42 24.69
N PRO A 79 7.31 6.75 25.93
CA PRO A 79 6.25 5.99 26.56
C PRO A 79 5.01 5.93 25.64
N ALA A 80 4.67 7.08 25.09
CA ALA A 80 3.44 7.22 24.33
C ALA A 80 3.53 6.31 23.14
N TYR A 81 4.66 6.30 22.48
CA TYR A 81 4.81 5.52 21.30
C TYR A 81 4.68 4.03 21.68
N GLN A 82 5.39 3.62 22.73
CA GLN A 82 5.39 2.22 23.09
C GLN A 82 4.00 1.76 23.50
N ALA A 83 3.24 2.64 24.12
CA ALA A 83 1.89 2.31 24.54
C ALA A 83 0.96 2.09 23.35
N VAL A 84 1.18 2.87 22.29
CA VAL A 84 0.36 2.78 21.11
C VAL A 84 0.72 1.47 20.45
N LEU A 85 2.01 1.19 20.37
CA LEU A 85 2.48 -0.05 19.77
C LEU A 85 1.91 -1.26 20.53
N LEU A 86 1.99 -1.21 21.85
CA LEU A 86 1.51 -2.32 22.68
C LEU A 86 0.05 -2.59 22.43
N ALA A 87 -0.77 -1.55 22.21
CA ALA A 87 -2.21 -1.77 22.00
C ALA A 87 -2.47 -2.47 20.68
N ILE A 88 -1.68 -2.12 19.68
CA ILE A 88 -1.86 -2.62 18.32
C ILE A 88 -1.37 -4.04 18.29
N ASN A 89 -0.14 -4.23 18.76
CA ASN A 89 0.40 -5.57 18.85
C ASN A 89 -0.47 -6.52 19.65
N ALA A 90 -1.10 -6.06 20.74
CA ALA A 90 -1.97 -6.93 21.53
C ALA A 90 -3.15 -7.41 20.68
N ALA A 91 -3.63 -6.55 19.78
CA ALA A 91 -4.77 -6.89 18.96
C ALA A 91 -4.41 -7.94 17.89
N VAL A 92 -3.36 -7.64 17.12
CA VAL A 92 -2.81 -8.52 16.12
C VAL A 92 -2.44 -9.87 16.77
N GLY A 93 -1.78 -9.79 17.92
CA GLY A 93 -1.37 -10.98 18.69
C GLY A 93 -2.54 -11.87 19.08
N PHE A 94 -3.65 -11.23 19.38
CA PHE A 94 -4.85 -11.98 19.77
C PHE A 94 -5.28 -12.92 18.65
N TRP A 95 -5.33 -12.39 17.45
CA TRP A 95 -5.82 -13.14 16.29
C TRP A 95 -4.83 -14.22 15.96
N ASN A 96 -3.55 -13.87 15.89
CA ASN A 96 -2.52 -14.85 15.71
C ASN A 96 -2.65 -16.03 16.65
N VAL A 97 -3.26 -15.85 17.81
CA VAL A 97 -3.33 -16.91 18.83
C VAL A 97 -4.49 -17.81 18.54
N LEU A 98 -5.64 -17.20 18.24
CA LEU A 98 -6.90 -17.96 18.05
C LEU A 98 -7.42 -18.09 16.60
N GLY A 99 -6.83 -17.37 15.66
CA GLY A 99 -7.40 -17.32 14.32
C GLY A 99 -7.55 -18.73 13.80
N TYR A 100 -6.48 -19.51 13.96
CA TYR A 100 -6.39 -20.87 13.43
C TYR A 100 -7.47 -21.77 13.97
N ALA A 101 -7.95 -21.52 15.17
CA ALA A 101 -8.99 -22.38 15.77
C ALA A 101 -10.44 -22.02 15.36
N THR A 102 -10.58 -21.04 14.50
CA THR A 102 -11.88 -20.43 14.21
C THR A 102 -12.47 -21.04 12.95
N GLN A 103 -13.73 -21.47 13.04
CA GLN A 103 -14.41 -22.05 11.89
C GLN A 103 -14.99 -20.94 11.02
N CYS A 104 -15.13 -21.23 9.74
CA CYS A 104 -15.59 -20.26 8.79
C CYS A 104 -15.88 -20.86 7.44
N GLY A 105 -16.89 -20.30 6.81
CA GLY A 105 -17.30 -20.78 5.54
C GLY A 105 -18.55 -20.06 5.14
N GLY A 106 -19.28 -20.72 4.23
CA GLY A 106 -20.48 -20.19 3.59
C GLY A 106 -20.21 -19.49 2.27
N ASN A 107 -21.29 -18.94 1.73
CA ASN A 107 -21.21 -18.20 0.50
C ASN A 107 -21.22 -16.68 0.76
N ALA A 108 -21.17 -15.89 -0.31
CA ALA A 108 -21.20 -14.43 -0.27
C ALA A 108 -22.23 -13.79 0.64
N ASN A 109 -23.41 -14.38 0.79
CA ASN A 109 -24.55 -13.81 1.56
C ASN A 109 -24.62 -14.42 2.95
N GLY A 110 -23.54 -15.09 3.37
CA GLY A 110 -23.50 -15.69 4.72
C GLY A 110 -24.47 -16.85 4.93
N GLN A 111 -24.70 -17.60 3.86
CA GLN A 111 -25.50 -18.80 3.92
C GLN A 111 -24.59 -19.99 3.94
N GLU A 112 -25.13 -21.10 4.45
CA GLU A 112 -24.58 -22.41 4.31
C GLU A 112 -24.01 -22.55 2.92
N SER A 113 -22.86 -23.17 2.79
CA SER A 113 -22.45 -23.70 1.50
C SER A 113 -22.05 -25.13 1.67
N THR A 114 -22.39 -25.95 0.69
CA THR A 114 -22.05 -27.35 0.78
C THR A 114 -20.69 -27.62 0.12
N SER A 115 -20.25 -26.79 -0.82
CA SER A 115 -18.93 -26.99 -1.48
C SER A 115 -17.85 -25.87 -1.33
N SER A 116 -18.14 -24.77 -0.65
CA SER A 116 -17.24 -23.63 -0.71
C SER A 116 -16.08 -23.73 0.25
N THR A 117 -14.88 -23.69 -0.34
CA THR A 117 -13.66 -23.52 0.41
C THR A 117 -13.02 -22.20 -0.03
N THR A 118 -12.86 -21.29 0.92
CA THR A 118 -12.26 -20.00 0.68
C THR A 118 -11.00 -19.80 1.53
N ILE A 119 -9.86 -19.59 0.89
CA ILE A 119 -8.59 -19.53 1.59
C ILE A 119 -7.97 -18.14 1.50
N PHE A 120 -7.62 -17.59 2.66
CA PHE A 120 -6.97 -16.30 2.79
C PHE A 120 -5.52 -16.43 3.12
N ASN A 121 -4.66 -15.94 2.24
CA ASN A 121 -3.19 -16.03 2.39
C ASN A 121 -2.54 -15.06 3.44
N ASN A 122 -1.31 -15.39 3.85
CA ASN A 122 -0.60 -14.62 4.86
C ASN A 122 -1.51 -14.43 6.06
N GLU A 123 -2.13 -15.56 6.48
CA GLU A 123 -2.95 -15.62 7.70
C GLU A 123 -2.45 -16.76 8.56
N PRO A 124 -2.55 -16.60 9.89
CA PRO A 124 -1.99 -17.57 10.83
C PRO A 124 -2.84 -18.83 11.07
N GLY A 125 -2.88 -19.73 10.08
CA GLY A 125 -3.63 -20.98 10.16
C GLY A 125 -2.90 -22.19 10.75
N TYR A 126 -3.59 -23.30 10.89
CA TYR A 126 -3.04 -24.48 11.51
C TYR A 126 -2.01 -25.07 10.60
N ARG A 127 -0.75 -25.05 11.05
CA ARG A 127 0.36 -25.57 10.27
C ARG A 127 0.40 -24.96 8.86
N SER A 128 0.21 -23.67 8.76
CA SER A 128 -0.05 -23.11 7.46
C SER A 128 0.07 -21.60 7.45
N THR A 129 0.40 -21.03 6.29
CA THR A 129 0.44 -19.56 6.10
C THR A 129 -0.87 -18.98 5.54
N SER A 130 -1.94 -19.76 5.63
CA SER A 130 -3.28 -19.39 5.18
C SER A 130 -4.31 -19.87 6.19
N ILE A 131 -5.44 -19.20 6.22
CA ILE A 131 -6.55 -19.67 7.02
C ILE A 131 -7.53 -20.21 6.03
N THR A 132 -7.98 -21.44 6.28
CA THR A 132 -8.86 -22.12 5.39
C THR A 132 -10.27 -22.00 5.93
N CYS A 133 -11.15 -21.39 5.15
CA CYS A 133 -12.53 -21.25 5.52
C CYS A 133 -13.28 -22.21 4.67
N SER A 134 -13.59 -23.38 5.23
CA SER A 134 -14.09 -24.52 4.48
C SER A 134 -15.13 -25.31 5.26
N LEU A 135 -15.82 -24.66 6.19
CA LEU A 135 -16.87 -25.32 6.92
C LEU A 135 -18.14 -25.26 6.13
N ASN A 136 -18.75 -26.41 5.94
CA ASN A 136 -19.82 -26.60 4.98
C ASN A 136 -21.07 -27.08 5.68
N ARG A 137 -22.21 -26.78 5.08
CA ARG A 137 -23.53 -27.31 5.48
C ARG A 137 -24.20 -26.61 6.65
N TYR A 138 -23.53 -25.74 7.37
CA TYR A 138 -24.19 -24.98 8.42
C TYR A 138 -24.01 -23.50 8.13
N LYS A 139 -25.07 -22.74 8.38
CA LYS A 139 -25.09 -21.31 8.11
C LYS A 139 -24.22 -20.55 9.11
N PRO A 140 -23.49 -19.55 8.63
CA PRO A 140 -22.70 -18.72 9.56
C PRO A 140 -23.53 -17.88 10.56
N GLY A 141 -22.91 -17.55 11.69
CA GLY A 141 -23.61 -16.82 12.75
C GLY A 141 -22.85 -16.91 14.06
N TYR A 142 -23.44 -16.35 15.10
CA TYR A 142 -22.97 -16.44 16.49
C TYR A 142 -22.75 -17.87 16.97
N TYR A 143 -21.58 -18.20 17.50
CA TYR A 143 -21.31 -19.57 17.96
C TYR A 143 -21.38 -20.59 16.83
N GLY A 144 -21.20 -20.10 15.62
CA GLY A 144 -21.19 -20.89 14.43
C GLY A 144 -19.97 -20.49 13.67
N PRO A 145 -19.86 -20.86 12.40
CA PRO A 145 -18.71 -20.40 11.63
C PRO A 145 -18.79 -18.91 11.36
N MET A 146 -17.63 -18.26 11.26
CA MET A 146 -17.57 -16.87 10.82
C MET A 146 -17.90 -16.87 9.32
N SER A 147 -18.64 -15.85 8.90
CA SER A 147 -19.01 -15.70 7.50
C SER A 147 -17.84 -15.16 6.70
N ILE A 148 -17.91 -15.30 5.40
CA ILE A 148 -16.87 -14.78 4.57
C ILE A 148 -16.84 -13.26 4.57
N GLU A 149 -18.01 -12.61 4.60
CA GLU A 149 -18.14 -11.12 4.77
C GLU A 149 -17.32 -10.61 5.94
N ASN A 150 -17.55 -11.20 7.10
CA ASN A 150 -16.79 -10.86 8.27
C ASN A 150 -15.31 -11.18 8.13
N PHE A 151 -14.99 -12.34 7.58
CA PHE A 151 -13.61 -12.77 7.56
C PHE A 151 -12.78 -11.80 6.68
N LYS A 152 -13.38 -11.32 5.59
CA LYS A 152 -12.73 -10.37 4.72
C LYS A 152 -12.43 -9.03 5.42
N LYS A 153 -13.41 -8.55 6.16
CA LYS A 153 -13.30 -7.33 6.96
C LYS A 153 -12.10 -7.50 7.93
N LEU A 154 -12.05 -8.66 8.57
CA LEU A 154 -11.00 -8.99 9.52
C LEU A 154 -9.69 -9.12 8.76
N ASN A 155 -9.73 -9.86 7.66
CA ASN A 155 -8.48 -10.06 6.93
C ASN A 155 -7.91 -8.75 6.36
N GLU A 156 -8.75 -7.85 5.87
CA GLU A 156 -8.24 -6.61 5.33
C GLU A 156 -7.44 -5.88 6.44
N ALA A 157 -8.09 -5.74 7.61
CA ALA A 157 -7.46 -5.11 8.76
C ALA A 157 -6.16 -5.78 9.23
N TYR A 158 -6.15 -7.11 9.22
CA TYR A 158 -4.97 -7.88 9.60
C TYR A 158 -3.85 -7.62 8.64
N GLN A 159 -4.16 -7.59 7.36
CA GLN A 159 -3.13 -7.36 6.35
C GLN A 159 -2.52 -5.93 6.44
N ILE A 160 -3.35 -4.93 6.76
CA ILE A 160 -2.88 -3.54 6.89
C ILE A 160 -1.99 -3.45 8.11
N LEU A 161 -2.47 -3.98 9.22
CA LEU A 161 -1.65 -3.99 10.41
C LEU A 161 -0.31 -4.71 10.25
N GLN A 162 -0.27 -5.92 9.69
CA GLN A 162 1.01 -6.60 9.56
C GLN A 162 1.92 -5.91 8.60
N THR A 163 1.40 -5.28 7.58
CA THR A 163 2.29 -4.62 6.63
C THR A 163 2.87 -3.35 7.24
N ALA A 164 2.03 -2.59 7.91
CA ALA A 164 2.46 -1.32 8.50
C ALA A 164 3.38 -1.51 9.72
N LEU A 165 3.05 -2.50 10.57
CA LEU A 165 3.96 -2.89 11.66
C LEU A 165 5.29 -3.34 11.07
N ASN A 166 5.21 -4.10 10.01
CA ASN A 166 6.40 -4.55 9.32
C ASN A 166 7.26 -3.39 8.87
N LYS A 167 6.61 -2.35 8.37
CA LYS A 167 7.29 -1.22 7.77
C LYS A 167 7.80 -0.21 8.86
N GLY A 168 7.04 -0.06 9.94
CA GLY A 168 7.40 0.84 11.03
C GLY A 168 6.27 1.78 11.29
N LEU A 169 5.77 1.79 12.52
CA LEU A 169 4.82 2.80 12.93
C LEU A 169 5.64 4.05 13.09
N PRO A 170 5.22 5.13 12.45
CA PRO A 170 6.00 6.32 12.70
C PRO A 170 5.68 6.92 14.08
N ALA A 171 6.43 7.95 14.43
CA ALA A 171 6.18 8.71 15.65
C ALA A 171 4.77 9.36 15.61
N LEU A 172 4.20 9.62 16.78
CA LEU A 172 2.83 10.12 16.87
C LEU A 172 2.57 11.45 16.12
N LYS A 173 3.55 12.36 16.11
CA LYS A 173 3.44 13.55 15.32
C LYS A 173 3.41 13.25 13.81
N GLU A 174 4.05 12.16 13.36
CA GLU A 174 4.21 11.89 11.93
C GLU A 174 2.98 11.15 11.45
N ASN A 175 2.19 11.81 10.62
CA ASN A 175 0.77 11.57 10.57
C ASN A 175 0.22 11.41 9.13
N ASN A 176 1.11 11.48 8.14
CA ASN A 176 0.75 11.56 6.73
C ASN A 176 1.43 10.44 5.95
N GLY A 177 2.03 9.51 6.67
CA GLY A 177 2.79 8.44 6.10
C GLY A 177 1.79 7.48 5.55
N THR A 178 2.20 6.77 4.51
CA THR A 178 1.31 5.75 3.96
C THR A 178 2.11 4.53 3.62
N VAL A 179 1.36 3.47 3.29
CA VAL A 179 1.97 2.18 2.99
C VAL A 179 1.15 1.43 1.93
N SER A 180 1.78 0.58 1.13
CA SER A 180 1.05 -0.30 0.19
C SER A 180 0.79 -1.63 0.83
N VAL A 181 -0.38 -2.19 0.59
CA VAL A 181 -0.77 -3.47 1.17
C VAL A 181 -1.34 -4.31 0.04
N THR A 182 -0.88 -5.56 -0.09
CA THR A 182 -1.27 -6.45 -1.17
C THR A 182 -1.66 -7.73 -0.53
N TYR A 183 -2.73 -8.38 -0.95
CA TYR A 183 -3.14 -9.60 -0.27
C TYR A 183 -3.98 -10.48 -1.18
N THR A 184 -3.75 -11.79 -1.14
CA THR A 184 -4.47 -12.71 -2.02
C THR A 184 -5.36 -13.66 -1.28
N TYR A 185 -6.50 -14.01 -1.85
CA TYR A 185 -7.27 -15.12 -1.34
C TYR A 185 -7.78 -15.99 -2.52
N THR A 186 -8.10 -17.25 -2.21
CA THR A 186 -8.68 -18.13 -3.20
C THR A 186 -10.04 -18.69 -2.83
N CYS A 187 -10.82 -18.97 -3.90
CA CYS A 187 -12.10 -19.71 -3.87
C CYS A 187 -12.04 -21.00 -4.71
N SER A 188 -12.45 -22.09 -4.10
CA SER A 188 -12.72 -23.26 -4.88
C SER A 188 -14.03 -23.88 -4.41
N GLY A 189 -14.59 -24.73 -5.26
CA GLY A 189 -15.83 -25.43 -4.98
C GLY A 189 -16.90 -24.90 -5.91
N GLU A 190 -17.55 -25.80 -6.65
CA GLU A 190 -18.73 -25.47 -7.43
C GLU A 190 -19.58 -24.74 -6.43
N GLY A 191 -20.24 -23.65 -6.77
CA GLY A 191 -21.08 -22.97 -5.77
C GLY A 191 -20.43 -21.89 -4.90
N ASN A 192 -19.11 -21.74 -5.03
CA ASN A 192 -18.42 -20.64 -4.36
C ASN A 192 -18.45 -19.31 -5.14
N ASP A 193 -19.35 -18.46 -4.69
CA ASP A 193 -19.50 -17.13 -5.21
C ASP A 193 -18.63 -16.08 -4.43
N ASN A 194 -17.63 -16.50 -3.65
CA ASN A 194 -16.87 -15.51 -2.87
C ASN A 194 -15.79 -14.76 -3.68
N CYS A 195 -15.64 -15.08 -4.95
CA CYS A 195 -14.63 -14.43 -5.79
C CYS A 195 -15.23 -13.93 -7.10
N SER A 196 -16.54 -13.75 -7.10
CA SER A 196 -17.30 -13.51 -8.31
C SER A 196 -17.63 -12.02 -8.44
N LYS A 197 -18.09 -11.62 -9.60
CA LYS A 197 -18.39 -10.21 -9.88
C LYS A 197 -19.02 -9.50 -8.70
N LYS A 198 -20.08 -10.10 -8.18
CA LYS A 198 -20.87 -9.55 -7.07
C LYS A 198 -20.09 -9.15 -5.89
N ALA A 199 -19.10 -9.95 -5.52
CA ALA A 199 -18.39 -9.77 -4.26
C ALA A 199 -17.08 -9.06 -4.45
N THR A 200 -16.76 -8.77 -5.69
CA THR A 200 -15.41 -8.47 -6.14
C THR A 200 -15.30 -7.26 -7.11
N GLY A 201 -16.36 -6.97 -7.88
CA GLY A 201 -16.37 -5.79 -8.73
C GLY A 201 -15.78 -6.01 -10.11
N VAL A 202 -15.20 -7.18 -10.33
CA VAL A 202 -14.45 -7.46 -11.53
C VAL A 202 -15.32 -8.18 -12.55
N SER A 203 -15.42 -7.60 -13.75
CA SER A 203 -16.19 -8.21 -14.85
C SER A 203 -15.78 -9.66 -15.18
N ASP A 204 -14.65 -9.85 -15.87
CA ASP A 204 -14.18 -11.21 -16.22
C ASP A 204 -13.36 -11.82 -15.07
N GLN A 205 -14.06 -12.60 -14.27
CA GLN A 205 -13.46 -13.53 -13.38
C GLN A 205 -12.20 -14.15 -13.99
N ASN A 206 -12.20 -14.41 -15.30
CA ASN A 206 -11.04 -14.96 -16.01
C ASN A 206 -9.99 -13.92 -16.50
N GLY A 207 -9.27 -13.33 -15.54
CA GLY A 207 -8.16 -12.42 -15.83
C GLY A 207 -8.50 -10.96 -15.63
N GLY A 208 -9.72 -10.68 -15.16
CA GLY A 208 -10.22 -9.32 -15.10
C GLY A 208 -9.54 -8.52 -14.00
N THR A 209 -9.56 -7.19 -14.16
CA THR A 209 -8.85 -6.24 -13.28
C THR A 209 -9.57 -4.88 -13.18
N LYS A 210 -9.92 -4.47 -11.97
CA LYS A 210 -10.59 -3.22 -11.74
C LYS A 210 -9.79 -2.39 -10.79
N THR A 211 -9.69 -1.10 -11.10
CA THR A 211 -9.06 -0.11 -10.23
C THR A 211 -10.13 0.87 -9.74
N LYS A 212 -10.37 0.87 -8.43
CA LYS A 212 -11.32 1.75 -7.76
C LYS A 212 -10.55 2.68 -6.83
N THR A 213 -11.24 3.73 -6.37
CA THR A 213 -10.85 4.45 -5.14
C THR A 213 -11.80 4.11 -3.98
N GLN A 214 -11.23 3.90 -2.80
CA GLN A 214 -11.99 3.79 -1.55
C GLN A 214 -11.39 4.75 -0.49
N THR A 215 -12.02 4.87 0.66
CA THR A 215 -11.57 5.79 1.71
C THR A 215 -11.19 5.02 2.95
N ILE A 216 -10.00 5.22 3.44
CA ILE A 216 -9.63 4.57 4.68
C ILE A 216 -9.09 5.67 5.60
N ASP A 217 -9.67 5.76 6.79
CA ASP A 217 -9.36 6.83 7.73
C ASP A 217 -9.45 8.25 7.10
N GLY A 218 -10.54 8.47 6.34
CA GLY A 218 -10.74 9.78 5.66
C GLY A 218 -9.69 10.13 4.63
N LYS A 219 -9.03 9.11 4.07
CA LYS A 219 -8.00 9.29 3.06
C LYS A 219 -8.35 8.41 1.86
N THR A 220 -8.06 8.92 0.68
CA THR A 220 -8.32 8.18 -0.56
C THR A 220 -7.24 7.19 -0.92
N VAL A 221 -7.65 5.93 -1.05
CA VAL A 221 -6.77 4.81 -1.28
C VAL A 221 -7.10 4.16 -2.62
N THR A 222 -6.13 4.11 -3.53
CA THR A 222 -6.39 3.49 -4.84
C THR A 222 -6.23 1.98 -4.74
N THR A 223 -7.28 1.21 -5.04
CA THR A 223 -7.29 -0.24 -4.87
C THR A 223 -7.31 -0.92 -6.24
N THR A 224 -6.34 -1.81 -6.51
CA THR A 224 -6.38 -2.61 -7.72
C THR A 224 -6.87 -4.01 -7.35
N ILE A 225 -7.82 -4.55 -8.09
CA ILE A 225 -8.31 -5.91 -7.84
C ILE A 225 -8.07 -6.68 -9.08
N SER A 226 -7.51 -7.89 -8.96
CA SER A 226 -7.51 -8.74 -10.13
C SER A 226 -7.81 -10.17 -9.82
N SER A 227 -8.34 -10.82 -10.84
CA SER A 227 -9.02 -12.11 -10.73
C SER A 227 -8.45 -13.01 -11.83
N LYS A 228 -8.11 -14.23 -11.45
CA LYS A 228 -7.30 -15.14 -12.24
C LYS A 228 -7.88 -16.52 -11.99
N VAL A 229 -8.45 -17.19 -12.98
CA VAL A 229 -8.87 -18.58 -12.71
C VAL A 229 -7.70 -19.47 -13.03
N VAL A 230 -7.50 -20.47 -12.18
CA VAL A 230 -6.52 -21.51 -12.42
C VAL A 230 -7.28 -22.82 -12.58
N ASP A 231 -7.42 -23.25 -13.81
CA ASP A 231 -8.07 -24.51 -14.13
C ASP A 231 -7.35 -25.68 -13.41
N SER A 232 -8.11 -26.70 -13.04
CA SER A 232 -7.53 -27.95 -12.46
C SER A 232 -6.50 -28.67 -13.36
N GLN A 233 -6.64 -28.52 -14.69
CA GLN A 233 -5.63 -29.02 -15.64
C GLN A 233 -4.36 -28.14 -15.69
N ALA A 234 -4.33 -27.00 -15.01
CA ALA A 234 -3.29 -26.00 -15.28
C ALA A 234 -1.90 -26.50 -14.89
N LYS A 235 -0.92 -26.33 -15.78
CA LYS A 235 0.48 -26.60 -15.40
C LYS A 235 0.83 -25.75 -14.19
N GLY A 236 1.08 -26.40 -13.05
CA GLY A 236 1.45 -25.73 -11.80
C GLY A 236 0.44 -25.98 -10.69
N ASN A 237 -0.77 -26.40 -11.05
CA ASN A 237 -1.81 -26.60 -10.07
C ASN A 237 -1.75 -28.01 -9.47
N THR A 238 -1.07 -28.12 -8.32
CA THR A 238 -0.88 -29.41 -7.65
C THR A 238 -2.13 -29.89 -6.96
N THR A 239 -2.95 -28.96 -6.48
CA THR A 239 -4.20 -29.29 -5.84
C THR A 239 -5.25 -29.79 -6.80
N ARG A 240 -4.84 -30.30 -7.96
CA ARG A 240 -5.70 -30.58 -9.14
C ARG A 240 -7.17 -30.15 -9.05
N VAL A 241 -7.50 -29.07 -8.33
CA VAL A 241 -8.87 -28.51 -8.30
C VAL A 241 -8.86 -27.11 -8.92
N SER A 242 -9.92 -26.77 -9.65
CA SER A 242 -10.06 -25.43 -10.19
C SER A 242 -10.23 -24.45 -9.04
N TYR A 243 -9.64 -23.28 -9.19
CA TYR A 243 -9.84 -22.22 -8.23
C TYR A 243 -9.71 -20.86 -8.89
N THR A 244 -10.17 -19.87 -8.15
CA THR A 244 -10.07 -18.51 -8.57
C THR A 244 -9.21 -17.79 -7.54
N GLU A 245 -8.24 -17.00 -8.01
CA GLU A 245 -7.39 -16.22 -7.13
C GLU A 245 -7.67 -14.72 -7.21
N ILE A 246 -8.00 -14.10 -6.08
CA ILE A 246 -8.23 -12.67 -6.04
C ILE A 246 -7.05 -11.94 -5.37
N THR A 247 -6.39 -11.06 -6.12
CA THR A 247 -5.39 -10.25 -5.52
C THR A 247 -5.93 -8.86 -5.25
N ASN A 248 -5.64 -8.31 -4.09
CA ASN A 248 -5.89 -6.88 -3.83
C ASN A 248 -4.59 -6.11 -3.50
N LYS A 249 -4.39 -4.98 -4.15
CA LYS A 249 -3.35 -4.00 -3.80
C LYS A 249 -3.98 -2.68 -3.35
N LEU A 250 -3.60 -2.20 -2.18
CA LEU A 250 -4.15 -0.96 -1.63
C LEU A 250 -2.96 -0.04 -1.66
N ASP A 251 -3.02 0.97 -2.53
CA ASP A 251 -1.96 1.90 -2.74
C ASP A 251 -2.32 3.14 -1.94
N GLY A 252 -1.49 3.49 -0.96
CA GLY A 252 -1.66 4.69 -0.15
C GLY A 252 -2.41 4.53 1.16
N VAL A 253 -2.31 3.41 1.82
CA VAL A 253 -3.06 3.27 3.08
C VAL A 253 -2.41 4.06 4.20
N PRO A 254 -3.20 4.76 5.02
CA PRO A 254 -2.58 5.49 6.10
C PRO A 254 -1.87 4.59 7.06
N ASP A 255 -0.67 5.00 7.43
CA ASP A 255 0.19 4.30 8.35
C ASP A 255 0.52 5.35 9.40
N SER A 256 -0.38 5.56 10.34
CA SER A 256 -0.14 6.49 11.40
C SER A 256 -0.68 5.84 12.63
N ALA A 257 -0.21 6.24 13.80
CA ALA A 257 -0.78 5.75 15.05
C ALA A 257 -2.29 5.72 14.96
N GLN A 258 -2.91 6.81 14.51
CA GLN A 258 -4.38 6.84 14.60
C GLN A 258 -5.06 5.78 13.78
N ALA A 259 -4.64 5.69 12.52
CA ALA A 259 -5.25 4.79 11.56
C ALA A 259 -5.06 3.32 11.93
N LEU A 260 -3.86 2.92 12.26
CA LEU A 260 -3.68 1.57 12.72
C LEU A 260 -4.52 1.24 13.96
N LEU A 261 -4.75 2.21 14.83
CA LEU A 261 -5.64 1.96 15.97
C LEU A 261 -7.06 1.70 15.52
N ALA A 262 -7.50 2.34 14.45
CA ALA A 262 -8.83 2.01 13.94
C ALA A 262 -8.85 0.58 13.38
N GLN A 263 -7.78 0.21 12.67
CA GLN A 263 -7.67 -1.13 12.16
C GLN A 263 -7.64 -2.16 13.29
N ALA A 264 -6.88 -1.87 14.33
CA ALA A 264 -6.87 -2.73 15.51
C ALA A 264 -8.28 -2.85 16.08
N SER A 265 -8.97 -1.72 16.08
CA SER A 265 -10.30 -1.69 16.62
C SER A 265 -11.20 -2.58 15.77
N THR A 266 -11.21 -2.40 14.47
CA THR A 266 -12.03 -3.20 13.59
C THR A 266 -11.73 -4.71 13.74
N LEU A 267 -10.44 -5.05 13.78
CA LEU A 267 -9.99 -6.42 14.02
C LEU A 267 -10.65 -7.01 15.27
N ILE A 268 -10.35 -6.45 16.46
CA ILE A 268 -10.84 -7.08 17.68
C ILE A 268 -12.35 -7.05 17.71
N ASN A 269 -12.97 -6.01 17.14
CA ASN A 269 -14.42 -5.84 17.27
C ASN A 269 -15.25 -6.61 16.22
N THR A 270 -14.64 -6.91 15.08
CA THR A 270 -15.22 -7.88 14.16
C THR A 270 -15.23 -9.28 14.80
N ILE A 271 -14.15 -9.64 15.50
CA ILE A 271 -14.10 -10.87 16.26
C ILE A 271 -15.21 -10.94 17.32
N ASN A 272 -15.15 -10.07 18.33
CA ASN A 272 -16.20 -9.98 19.35
C ASN A 272 -17.59 -10.09 18.77
N THR A 273 -17.87 -9.39 17.69
CA THR A 273 -19.26 -9.27 17.27
C THR A 273 -19.66 -10.51 16.51
N ALA A 274 -18.81 -11.00 15.63
CA ALA A 274 -19.14 -12.22 14.87
C ALA A 274 -19.20 -13.43 15.79
N CYS A 275 -18.24 -13.49 16.72
CA CYS A 275 -18.22 -14.47 17.81
C CYS A 275 -18.40 -15.91 17.31
N PRO A 276 -17.47 -16.35 16.46
CA PRO A 276 -17.63 -17.67 15.86
C PRO A 276 -17.17 -18.76 16.78
N TYR A 277 -17.45 -19.99 16.41
CA TYR A 277 -16.96 -21.13 17.12
C TYR A 277 -15.48 -21.30 16.87
N PHE A 278 -14.78 -21.77 17.90
CA PHE A 278 -13.37 -22.15 17.77
C PHE A 278 -13.14 -23.51 18.43
N SER A 279 -12.14 -24.23 17.94
CA SER A 279 -11.56 -25.28 18.75
C SER A 279 -10.06 -25.30 18.54
N VAL A 280 -9.35 -25.34 19.65
CA VAL A 280 -7.90 -25.25 19.66
C VAL A 280 -7.33 -26.60 20.01
N THR A 281 -6.05 -26.75 19.69
CA THR A 281 -5.29 -27.93 20.11
C THR A 281 -4.09 -27.46 20.93
N ASN A 282 -3.98 -27.94 22.15
CA ASN A 282 -2.80 -27.71 22.95
C ASN A 282 -1.55 -28.44 22.48
N LYS A 283 -0.41 -27.83 22.78
CA LYS A 283 0.91 -28.45 22.58
C LYS A 283 1.09 -29.50 23.68
N SER A 284 2.00 -30.43 23.49
CA SER A 284 2.21 -31.47 24.50
C SER A 284 2.84 -30.92 25.77
N GLY A 285 3.71 -29.92 25.63
CA GLY A 285 4.37 -29.34 26.77
C GLY A 285 3.93 -27.92 26.91
N GLY A 286 4.22 -27.34 28.04
CA GLY A 286 4.02 -25.89 28.22
C GLY A 286 2.59 -25.47 28.49
N PRO A 287 2.35 -24.16 28.48
CA PRO A 287 1.07 -23.66 28.90
C PRO A 287 -0.07 -24.29 28.10
N GLN A 288 -1.16 -24.55 28.81
CA GLN A 288 -2.35 -25.21 28.29
C GLN A 288 -3.49 -24.21 28.32
N MET A 289 -4.36 -24.30 27.32
CA MET A 289 -5.56 -23.51 27.20
C MET A 289 -6.75 -24.44 27.46
N GLU A 290 -7.58 -24.17 28.46
CA GLU A 290 -8.74 -25.01 28.79
C GLU A 290 -9.89 -24.06 29.20
N PRO A 291 -11.14 -24.30 28.74
CA PRO A 291 -11.56 -25.33 27.77
C PRO A 291 -11.05 -25.04 26.37
N THR A 292 -11.16 -26.06 25.51
CA THR A 292 -10.49 -26.07 24.20
C THR A 292 -11.44 -25.76 23.06
N ARG A 293 -12.62 -25.24 23.36
CA ARG A 293 -13.73 -25.29 22.46
C ARG A 293 -14.78 -24.31 22.99
N GLY A 294 -15.33 -23.47 22.12
CA GLY A 294 -16.37 -22.53 22.53
C GLY A 294 -16.51 -21.40 21.54
N LYS A 295 -16.72 -20.21 22.04
CA LYS A 295 -17.02 -19.09 21.19
C LYS A 295 -16.01 -18.01 21.44
N LEU A 296 -15.63 -17.30 20.38
CA LEU A 296 -14.48 -16.39 20.42
C LEU A 296 -14.70 -15.21 21.37
N CYS A 297 -15.93 -14.71 21.38
CA CYS A 297 -16.33 -13.64 22.31
C CYS A 297 -16.37 -14.11 23.80
N GLY A 298 -16.29 -15.42 24.04
CA GLY A 298 -16.14 -15.94 25.39
C GLY A 298 -14.83 -15.58 26.07
N PHE A 299 -13.83 -15.11 25.31
CA PHE A 299 -12.61 -14.55 25.89
C PHE A 299 -12.84 -13.09 26.36
N THR A 300 -13.80 -12.93 27.26
CA THR A 300 -14.32 -11.62 27.64
C THR A 300 -13.30 -10.69 28.28
N GLU A 301 -12.39 -11.27 29.07
CA GLU A 301 -11.36 -10.48 29.75
C GLU A 301 -10.28 -10.04 28.79
N GLU A 302 -9.83 -10.94 27.92
CA GLU A 302 -8.82 -10.58 26.89
C GLU A 302 -9.34 -9.48 25.98
N ILE A 303 -10.56 -9.67 25.53
CA ILE A 303 -11.20 -8.75 24.61
C ILE A 303 -11.42 -7.40 25.28
N SER A 304 -11.96 -7.39 26.50
CA SER A 304 -12.08 -6.15 27.25
C SER A 304 -10.78 -5.36 27.42
N ALA A 305 -9.71 -6.04 27.81
CA ALA A 305 -8.41 -5.42 28.03
C ALA A 305 -7.87 -4.85 26.73
N ILE A 306 -7.99 -5.63 25.65
CA ILE A 306 -7.54 -5.20 24.34
C ILE A 306 -8.34 -3.99 23.90
N GLN A 307 -9.66 -4.04 24.09
CA GLN A 307 -10.52 -2.87 23.83
C GLN A 307 -10.07 -1.62 24.60
N LYS A 308 -9.79 -1.81 25.88
CA LYS A 308 -9.42 -0.75 26.78
C LYS A 308 -8.08 -0.16 26.41
N MET A 309 -7.13 -0.96 25.95
CA MET A 309 -5.81 -0.43 25.55
C MET A 309 -5.90 0.32 24.24
N ILE A 310 -6.86 -0.05 23.38
CA ILE A 310 -7.06 0.67 22.11
C ILE A 310 -7.72 2.03 22.37
N THR A 311 -8.71 2.02 23.24
CA THR A 311 -9.29 3.25 23.70
C THR A 311 -8.27 4.17 24.33
N ASP A 312 -7.50 3.65 25.25
CA ASP A 312 -6.48 4.45 25.90
C ASP A 312 -5.48 5.02 24.90
N ALA A 313 -4.96 4.18 24.01
CA ALA A 313 -4.06 4.65 22.96
C ALA A 313 -4.70 5.70 22.07
N GLN A 314 -6.02 5.59 21.85
CA GLN A 314 -6.77 6.56 21.03
C GLN A 314 -6.85 7.89 21.74
N GLU A 315 -7.14 7.84 23.03
CA GLU A 315 -7.15 9.00 23.94
C GLU A 315 -5.79 9.68 24.00
N LEU A 316 -4.78 8.84 23.92
CA LEU A 316 -3.38 9.24 23.87
C LEU A 316 -3.05 10.00 22.56
N VAL A 317 -3.61 9.56 21.45
CA VAL A 317 -3.40 10.23 20.16
C VAL A 317 -4.04 11.61 20.14
N ASN A 318 -5.22 11.75 20.74
CA ASN A 318 -5.87 13.05 20.82
C ASN A 318 -5.05 14.06 21.55
N GLN A 319 -4.34 13.63 22.60
CA GLN A 319 -3.51 14.56 23.38
C GLN A 319 -2.38 15.11 22.51
N THR A 320 -2.00 14.39 21.46
CA THR A 320 -0.97 14.82 20.50
C THR A 320 -1.32 16.10 19.79
N SER A 321 -2.59 16.30 19.45
CA SER A 321 -2.94 17.53 18.76
C SER A 321 -2.97 18.70 19.71
N VAL A 322 -3.35 18.48 20.96
CA VAL A 322 -3.36 19.59 21.91
C VAL A 322 -1.93 20.16 21.99
N ILE A 323 -0.94 19.28 21.94
CA ILE A 323 0.45 19.68 22.05
C ILE A 323 0.91 20.46 20.82
N ASN A 324 0.63 19.89 19.65
CA ASN A 324 0.84 20.58 18.39
C ASN A 324 0.18 21.95 18.30
N GLU A 325 -1.03 22.06 18.82
CA GLU A 325 -1.77 23.33 18.82
C GLU A 325 -1.24 24.38 19.81
N HIS A 326 -0.24 24.01 20.61
CA HIS A 326 0.37 24.89 21.61
C HIS A 326 1.88 24.62 21.79
N GLU A 327 2.64 24.71 20.70
CA GLU A 327 4.12 24.61 20.75
C GLU A 327 4.68 25.73 21.66
N GLN A 328 5.81 25.49 22.32
CA GLN A 328 6.37 26.43 23.29
C GLN A 328 7.79 26.89 22.92
N SER A 347 -1.09 35.49 29.57
CA SER A 347 -2.18 35.09 28.68
C SER A 347 -1.89 33.77 27.95
N PHE A 348 -0.70 33.68 27.34
CA PHE A 348 -0.14 32.40 26.85
C PHE A 348 -0.33 31.24 27.85
N ALA A 349 -0.50 31.59 29.14
CA ALA A 349 -0.68 30.62 30.24
C ALA A 349 -1.63 29.46 29.93
N GLN A 350 -2.75 29.76 29.29
CA GLN A 350 -3.68 28.73 28.78
C GLN A 350 -2.95 27.62 28.02
N GLY A 351 -2.19 28.03 27.01
CA GLY A 351 -1.52 27.10 26.12
C GLY A 351 -0.50 26.29 26.89
N MET A 352 0.30 26.97 27.69
CA MET A 352 1.26 26.30 28.54
C MET A 352 0.50 25.21 29.32
N LEU A 353 -0.61 25.58 29.96
CA LEU A 353 -1.45 24.63 30.73
C LEU A 353 -2.02 23.48 29.86
N ALA A 354 -2.65 23.82 28.74
CA ALA A 354 -3.18 22.79 27.87
C ALA A 354 -2.09 21.74 27.42
N ASN A 355 -0.92 22.27 27.08
CA ASN A 355 0.24 21.50 26.63
C ASN A 355 0.79 20.64 27.75
N ALA A 356 0.97 21.26 28.92
CA ALA A 356 1.47 20.57 30.10
C ALA A 356 0.50 19.49 30.57
N SER A 357 -0.78 19.82 30.68
CA SER A 357 -1.79 18.84 31.05
C SER A 357 -1.89 17.68 30.09
N ALA A 358 -1.77 17.99 28.81
CA ALA A 358 -1.75 16.96 27.76
C ALA A 358 -0.64 15.96 28.01
N GLN A 359 0.56 16.48 28.27
CA GLN A 359 1.75 15.65 28.43
C GLN A 359 1.57 14.73 29.64
N ALA A 360 1.01 15.29 30.71
CA ALA A 360 0.70 14.53 31.90
C ALA A 360 -0.32 13.45 31.62
N LYS A 361 -1.31 13.74 30.79
CA LYS A 361 -2.32 12.75 30.41
C LYS A 361 -1.74 11.64 29.55
N MET A 362 -0.87 11.98 28.59
CA MET A 362 -0.24 10.93 27.75
C MET A 362 0.56 9.97 28.60
N LEU A 363 1.26 10.47 29.65
CA LEU A 363 2.00 9.61 30.59
C LEU A 363 1.08 8.76 31.48
N ASN A 364 -0.01 9.36 31.94
CA ASN A 364 -1.00 8.63 32.70
C ASN A 364 -1.63 7.51 31.88
N LEU A 365 -1.98 7.77 30.63
CA LEU A 365 -2.60 6.76 29.80
C LEU A 365 -1.62 5.66 29.39
N ALA A 366 -0.37 6.06 29.18
CA ALA A 366 0.67 5.10 28.82
C ALA A 366 0.93 4.08 29.93
N HIS A 367 1.09 4.57 31.16
CA HIS A 367 1.31 3.71 32.35
C HIS A 367 0.10 2.77 32.50
N GLN A 368 -1.07 3.31 32.24
CA GLN A 368 -2.29 2.53 32.34
C GLN A 368 -2.36 1.39 31.30
N VAL A 369 -1.92 1.64 30.06
CA VAL A 369 -1.84 0.62 29.02
C VAL A 369 -0.86 -0.47 29.43
N GLY A 370 0.28 -0.07 30.00
CA GLY A 370 1.25 -1.00 30.58
C GLY A 370 0.69 -1.89 31.70
N GLN A 371 0.01 -1.28 32.68
CA GLN A 371 -0.64 -1.98 33.78
C GLN A 371 -1.72 -2.99 33.32
N THR A 372 -2.42 -2.69 32.23
CA THR A 372 -3.57 -3.48 31.79
C THR A 372 -3.19 -4.90 31.41
N ILE A 373 -2.05 -5.03 30.75
CA ILE A 373 -1.59 -6.29 30.18
C ILE A 373 -0.40 -6.88 30.95
N ASN A 374 0.06 -6.17 31.98
CA ASN A 374 1.21 -6.58 32.78
C ASN A 374 0.96 -7.89 33.56
N PRO A 375 1.82 -8.89 33.36
CA PRO A 375 1.56 -10.18 34.01
C PRO A 375 1.48 -10.14 35.54
N ASP A 376 2.13 -9.19 36.18
CA ASP A 376 2.07 -9.09 37.64
C ASP A 376 0.75 -8.56 38.21
N ASN A 377 -0.06 -7.94 37.37
CA ASN A 377 -1.37 -7.44 37.77
C ASN A 377 -2.45 -8.41 37.36
N LEU A 378 -2.06 -9.52 36.74
CA LEU A 378 -3.02 -10.43 36.16
C LEU A 378 -3.05 -11.68 36.97
N THR A 379 -4.08 -12.47 36.74
CA THR A 379 -4.32 -13.62 37.58
C THR A 379 -5.07 -14.71 36.82
N GLY A 380 -4.85 -15.96 37.25
CA GLY A 380 -5.16 -17.19 36.52
C GLY A 380 -5.80 -16.97 35.20
N THR A 381 -5.66 -17.90 34.28
CA THR A 381 -6.48 -17.90 33.06
C THR A 381 -6.15 -16.77 32.08
N PHE A 382 -6.43 -15.51 32.43
CA PHE A 382 -6.03 -14.36 31.61
C PHE A 382 -4.51 -14.20 31.71
N LYS A 383 -3.96 -14.23 32.93
CA LYS A 383 -2.49 -14.26 33.14
C LYS A 383 -1.84 -15.33 32.25
N ASN A 384 -2.44 -16.50 32.25
CA ASN A 384 -1.94 -17.63 31.52
C ASN A 384 -1.95 -17.37 30.02
N PHE A 385 -3.03 -16.73 29.56
CA PHE A 385 -3.21 -16.39 28.16
C PHE A 385 -2.10 -15.43 27.72
N VAL A 386 -1.76 -14.46 28.58
CA VAL A 386 -0.70 -13.51 28.28
C VAL A 386 0.68 -14.16 28.34
N THR A 387 1.03 -14.67 29.49
CA THR A 387 2.38 -15.18 29.65
C THR A 387 2.69 -16.36 28.75
N GLY A 388 1.74 -17.23 28.51
CA GLY A 388 2.00 -18.47 27.77
C GLY A 388 1.70 -18.43 26.26
N PHE A 389 0.84 -17.51 25.84
CA PHE A 389 0.43 -17.45 24.46
C PHE A 389 0.64 -16.11 23.81
N LEU A 390 -0.05 -15.09 24.31
CA LEU A 390 -0.07 -13.82 23.62
C LEU A 390 1.30 -13.19 23.54
N ALA A 391 2.07 -13.30 24.61
CA ALA A 391 3.42 -12.69 24.64
C ALA A 391 4.50 -13.70 24.20
N THR A 392 4.27 -14.37 23.06
CA THR A 392 5.24 -15.36 22.56
C THR A 392 5.20 -15.45 21.04
N CYS A 393 6.22 -16.11 20.50
CA CYS A 393 6.25 -16.44 19.10
C CYS A 393 6.71 -17.90 18.90
N ASN A 394 5.90 -18.70 18.21
CA ASN A 394 6.33 -20.06 17.84
C ASN A 394 6.97 -20.12 16.46
N ASN A 395 7.28 -19.00 15.82
CA ASN A 395 8.01 -19.08 14.55
C ASN A 395 9.37 -19.71 14.79
N LYS A 396 9.92 -20.36 13.78
CA LYS A 396 11.13 -21.14 13.97
C LYS A 396 12.33 -20.21 14.15
N SER A 397 13.33 -20.66 14.92
CA SER A 397 14.66 -20.04 15.00
C SER A 397 15.71 -21.13 14.87
N SER A 407 12.95 -13.07 12.13
CA SER A 407 11.53 -12.86 11.82
C SER A 407 10.99 -11.50 12.37
N PRO A 408 11.02 -10.43 11.53
CA PRO A 408 10.58 -9.08 11.90
C PRO A 408 9.11 -8.99 12.32
N PRO A 409 8.64 -7.76 12.61
CA PRO A 409 7.26 -7.50 13.05
C PRO A 409 6.09 -8.12 12.25
N GLY A 410 6.14 -8.15 10.91
CA GLY A 410 4.93 -8.51 10.12
C GLY A 410 4.74 -9.98 9.75
N THR A 411 5.36 -10.87 10.51
CA THR A 411 5.81 -12.15 9.97
C THR A 411 4.89 -13.37 10.32
N VAL A 412 4.47 -14.08 9.25
CA VAL A 412 3.52 -15.20 9.34
C VAL A 412 4.11 -16.48 8.81
N THR A 413 4.25 -17.50 9.65
CA THR A 413 4.83 -18.76 9.18
C THR A 413 3.87 -19.89 9.46
N THR A 414 4.23 -21.11 9.08
CA THR A 414 3.39 -22.24 9.44
C THR A 414 3.20 -22.43 10.96
N GLN A 415 3.96 -21.72 11.79
CA GLN A 415 3.93 -21.95 13.25
C GLN A 415 3.69 -20.69 14.06
N THR A 416 3.19 -19.65 13.43
CA THR A 416 2.65 -18.49 14.12
C THR A 416 1.42 -18.86 14.97
N PHE A 417 0.64 -19.85 14.56
CA PHE A 417 -0.62 -20.12 15.25
C PHE A 417 -0.43 -20.51 16.71
N ALA A 418 -1.34 -20.08 17.58
CA ALA A 418 -1.27 -20.33 19.04
C ALA A 418 -0.19 -19.47 19.76
N SER A 419 0.30 -18.43 19.09
CA SER A 419 1.28 -17.51 19.65
C SER A 419 0.96 -16.11 19.11
N GLY A 420 1.38 -15.09 19.81
CA GLY A 420 1.07 -13.75 19.42
C GLY A 420 1.90 -13.28 18.25
N CYS A 421 3.19 -13.66 18.23
CA CYS A 421 4.16 -13.12 17.25
C CYS A 421 3.98 -11.65 16.89
N ALA A 422 3.76 -10.82 17.90
CA ALA A 422 3.63 -9.39 17.70
C ALA A 422 4.48 -8.60 18.69
N TYR A 423 5.58 -9.19 19.13
CA TYR A 423 6.52 -8.51 20.02
C TYR A 423 5.92 -7.96 21.31
N VAL A 424 4.90 -8.63 21.82
CA VAL A 424 4.23 -8.19 23.03
C VAL A 424 5.12 -8.27 24.27
N GLU A 425 5.93 -9.31 24.41
CA GLU A 425 6.82 -9.33 25.56
C GLU A 425 7.74 -8.12 25.53
N GLN A 426 8.31 -7.91 24.36
CA GLN A 426 9.33 -6.91 24.19
C GLN A 426 8.74 -5.49 24.33
N THR A 427 7.54 -5.29 23.82
CA THR A 427 6.96 -3.97 23.85
C THR A 427 6.56 -3.61 25.29
N ILE A 428 6.01 -4.55 26.05
CA ILE A 428 5.68 -4.32 27.46
C ILE A 428 6.92 -3.85 28.23
N THR A 429 8.02 -4.59 28.05
CA THR A 429 9.32 -4.24 28.55
C THR A 429 9.65 -2.81 28.21
N ASN A 430 9.72 -2.49 26.92
CA ASN A 430 10.23 -1.20 26.44
C ASN A 430 9.39 -0.05 26.89
N LEU A 431 8.10 -0.31 27.03
CA LEU A 431 7.14 0.67 27.54
C LEU A 431 7.42 0.97 28.98
N ASN A 432 7.59 -0.06 29.79
CA ASN A 432 7.89 0.15 31.21
C ASN A 432 9.28 0.80 31.44
N ASN A 433 10.22 0.58 30.51
CA ASN A 433 11.56 1.14 30.59
C ASN A 433 11.61 2.58 30.12
N SER A 434 10.80 2.90 29.13
CA SER A 434 10.82 4.27 28.65
C SER A 434 10.27 5.16 29.76
N ILE A 435 9.34 4.59 30.54
CA ILE A 435 8.75 5.26 31.74
C ILE A 435 9.72 5.38 32.94
N ALA A 436 10.42 4.30 33.25
CA ALA A 436 11.53 4.35 34.17
C ALA A 436 12.41 5.54 33.82
N HIS A 437 12.86 5.61 32.56
CA HIS A 437 13.75 6.69 32.10
C HIS A 437 13.03 8.00 31.74
N PHE A 438 11.80 8.18 32.23
CA PHE A 438 11.03 9.41 31.98
C PHE A 438 10.70 10.20 33.25
N GLY A 439 11.35 9.82 34.36
CA GLY A 439 11.10 10.39 35.67
C GLY A 439 11.38 11.88 35.76
N THR A 440 12.53 12.31 35.24
CA THR A 440 12.87 13.74 35.32
C THR A 440 11.87 14.54 34.47
N GLN A 441 11.53 14.01 33.30
CA GLN A 441 10.52 14.65 32.46
C GLN A 441 9.16 14.71 33.13
N GLU A 442 8.77 13.65 33.84
CA GLU A 442 7.50 13.66 34.60
C GLU A 442 7.45 14.80 35.66
N GLN A 443 8.60 15.14 36.26
CA GLN A 443 8.64 16.22 37.24
C GLN A 443 8.73 17.58 36.60
N GLN A 444 9.41 17.68 35.46
CA GLN A 444 9.48 18.93 34.72
C GLN A 444 8.10 19.32 34.17
N ILE A 445 7.38 18.32 33.65
CA ILE A 445 5.99 18.46 33.19
C ILE A 445 5.07 18.83 34.34
N GLN A 446 5.26 18.16 35.46
CA GLN A 446 4.51 18.46 36.64
C GLN A 446 4.79 19.87 37.15
N GLN A 447 6.08 20.24 37.23
CA GLN A 447 6.51 21.61 37.59
C GLN A 447 5.82 22.68 36.74
N ALA A 448 5.88 22.51 35.42
CA ALA A 448 5.31 23.47 34.46
C ALA A 448 3.78 23.55 34.56
N GLU A 449 3.16 22.42 34.84
CA GLU A 449 1.72 22.35 35.18
C GLU A 449 1.37 23.38 36.26
N ASN A 450 2.15 23.44 37.33
CA ASN A 450 1.85 24.33 38.45
C ASN A 450 2.11 25.76 38.11
N ILE A 451 3.32 26.04 37.62
CA ILE A 451 3.65 27.36 37.13
C ILE A 451 2.57 27.88 36.20
N ALA A 452 2.12 27.04 35.27
CA ALA A 452 1.08 27.42 34.29
C ALA A 452 -0.29 27.63 34.95
N ASP A 453 -0.73 26.66 35.74
CA ASP A 453 -1.99 26.77 36.45
C ASP A 453 -2.00 28.00 37.36
N THR A 454 -0.90 28.20 38.05
CA THR A 454 -0.72 29.38 38.87
C THR A 454 -0.99 30.62 38.06
N LEU A 455 -0.28 30.74 36.94
CA LEU A 455 -0.40 31.91 36.07
C LEU A 455 -1.85 32.10 35.61
N VAL A 456 -2.49 31.02 35.15
CA VAL A 456 -3.89 31.10 34.72
C VAL A 456 -4.78 31.73 35.79
N ASN A 457 -4.50 31.51 37.08
CA ASN A 457 -5.30 32.13 38.15
C ASN A 457 -4.59 33.29 38.88
N GLN B 1 -11.32 -25.13 7.39
CA GLN B 1 -10.31 -25.45 8.43
C GLN B 1 -9.83 -26.88 8.24
N VAL B 2 -10.69 -27.73 7.73
CA VAL B 2 -10.31 -29.05 7.26
C VAL B 2 -10.57 -29.09 5.77
N GLN B 3 -9.67 -29.73 5.05
CA GLN B 3 -9.89 -30.00 3.67
C GLN B 3 -9.81 -31.49 3.38
N LEU B 4 -10.74 -31.98 2.55
CA LEU B 4 -10.87 -33.41 2.23
C LEU B 4 -10.78 -33.59 0.73
N GLN B 5 -9.92 -34.50 0.27
CA GLN B 5 -9.89 -34.81 -1.14
C GLN B 5 -9.92 -36.33 -1.51
N GLU B 6 -10.99 -36.71 -2.23
CA GLU B 6 -11.21 -38.09 -2.64
C GLU B 6 -10.41 -38.51 -3.86
N SER B 7 -10.22 -39.82 -4.02
CA SER B 7 -9.78 -40.42 -5.27
C SER B 7 -10.12 -41.90 -5.27
N GLY B 8 -9.95 -42.52 -6.44
CA GLY B 8 -10.20 -43.94 -6.59
C GLY B 8 -11.50 -44.27 -7.31
N GLY B 9 -12.34 -43.27 -7.62
CA GLY B 9 -13.57 -43.52 -8.34
C GLY B 9 -13.29 -44.07 -9.75
N GLY B 10 -14.28 -44.70 -10.36
CA GLY B 10 -14.10 -45.20 -11.72
C GLY B 10 -15.22 -46.07 -12.21
N LEU B 11 -14.99 -46.72 -13.35
CA LEU B 11 -15.96 -47.64 -13.93
C LEU B 11 -15.66 -49.06 -13.42
N VAL B 12 -16.68 -49.77 -12.98
CA VAL B 12 -16.46 -51.09 -12.45
C VAL B 12 -17.62 -52.01 -12.85
N GLN B 13 -17.29 -53.29 -12.99
CA GLN B 13 -18.28 -54.30 -13.36
C GLN B 13 -19.12 -54.71 -12.17
N PRO B 14 -20.40 -55.04 -12.40
CA PRO B 14 -21.16 -55.65 -11.32
C PRO B 14 -20.42 -56.87 -10.73
N GLY B 15 -20.38 -56.94 -9.41
CA GLY B 15 -19.66 -58.00 -8.71
C GLY B 15 -18.28 -57.59 -8.23
N GLY B 16 -17.62 -56.72 -8.98
CA GLY B 16 -16.25 -56.32 -8.66
C GLY B 16 -16.11 -55.45 -7.43
N SER B 17 -14.95 -54.80 -7.32
CA SER B 17 -14.64 -53.96 -6.15
C SER B 17 -13.80 -52.69 -6.43
N LEU B 18 -13.85 -51.78 -5.48
CA LEU B 18 -13.06 -50.55 -5.48
C LEU B 18 -12.68 -50.19 -4.05
N ARG B 19 -11.52 -49.58 -3.87
CA ARG B 19 -11.19 -48.91 -2.63
C ARG B 19 -11.18 -47.42 -2.93
N LEU B 20 -12.00 -46.65 -2.21
CA LEU B 20 -11.94 -45.17 -2.29
C LEU B 20 -10.99 -44.56 -1.23
N SER B 21 -10.32 -43.47 -1.59
CA SER B 21 -9.37 -42.79 -0.71
C SER B 21 -9.78 -41.38 -0.38
N CYS B 22 -9.35 -40.91 0.77
CA CYS B 22 -9.52 -39.53 1.07
C CYS B 22 -8.38 -39.05 1.86
N ALA B 23 -7.64 -38.08 1.31
CA ALA B 23 -6.61 -37.38 2.06
C ALA B 23 -7.26 -36.25 2.81
N ALA B 24 -7.17 -36.29 4.15
CA ALA B 24 -7.62 -35.18 4.98
C ALA B 24 -6.44 -34.27 5.30
N SER B 25 -6.71 -32.97 5.45
CA SER B 25 -5.69 -32.02 5.95
C SER B 25 -6.31 -30.78 6.64
N GLY B 26 -5.48 -30.12 7.42
CA GLY B 26 -5.94 -29.05 8.29
C GLY B 26 -6.11 -29.47 9.73
N SER B 27 -7.18 -28.96 10.35
CA SER B 27 -7.47 -29.13 11.79
C SER B 27 -8.03 -30.52 12.13
N ILE B 28 -7.24 -31.55 11.84
CA ILE B 28 -7.68 -32.90 12.06
C ILE B 28 -7.97 -33.15 13.53
N TYR B 29 -7.15 -32.57 14.42
CA TYR B 29 -7.41 -32.59 15.88
C TYR B 29 -8.86 -32.26 16.27
N SER B 30 -9.57 -31.53 15.43
CA SER B 30 -10.91 -31.03 15.75
C SER B 30 -12.04 -31.95 15.29
N LEU B 31 -11.71 -33.06 14.67
CA LEU B 31 -12.74 -33.91 14.11
C LEU B 31 -13.11 -34.94 15.15
N ILE B 32 -14.38 -35.31 15.23
CA ILE B 32 -14.82 -36.41 16.14
C ILE B 32 -15.18 -37.71 15.39
N ALA B 33 -15.20 -37.61 14.07
CA ALA B 33 -15.63 -38.70 13.23
C ALA B 33 -15.42 -38.35 11.77
N MET B 34 -15.29 -39.36 10.93
CA MET B 34 -15.21 -39.15 9.50
C MET B 34 -16.14 -40.15 8.84
N GLY B 35 -16.36 -40.04 7.53
CA GLY B 35 -17.28 -40.94 6.89
C GLY B 35 -17.44 -40.74 5.42
N TRP B 36 -18.45 -41.41 4.85
CA TRP B 36 -18.72 -41.32 3.41
C TRP B 36 -20.21 -41.17 3.18
N TYR B 37 -20.58 -40.17 2.38
CA TYR B 37 -21.92 -40.05 1.84
C TYR B 37 -21.86 -40.47 0.39
N ARG B 38 -23.05 -40.55 -0.20
CA ARG B 38 -23.17 -40.70 -1.65
C ARG B 38 -24.47 -40.11 -2.11
N GLN B 39 -24.49 -39.65 -3.35
CA GLN B 39 -25.73 -39.22 -3.96
C GLN B 39 -25.78 -39.65 -5.40
N ALA B 40 -26.84 -40.36 -5.78
CA ALA B 40 -27.09 -40.67 -7.19
C ALA B 40 -27.81 -39.50 -7.84
N PRO B 41 -27.60 -39.30 -9.14
CA PRO B 41 -28.20 -38.13 -9.82
C PRO B 41 -29.70 -37.92 -9.45
N GLY B 42 -30.52 -38.96 -9.54
CA GLY B 42 -31.93 -38.88 -9.11
C GLY B 42 -32.13 -38.76 -7.60
N LYS B 43 -31.51 -39.65 -6.83
CA LYS B 43 -31.82 -39.86 -5.41
C LYS B 43 -31.40 -38.77 -4.38
N GLU B 44 -31.85 -38.95 -3.13
CA GLU B 44 -31.39 -38.20 -1.95
C GLU B 44 -29.96 -38.62 -1.63
N HIS B 45 -29.22 -37.75 -0.94
CA HIS B 45 -27.92 -38.16 -0.43
C HIS B 45 -28.10 -39.20 0.68
N GLU B 46 -27.13 -40.09 0.79
CA GLU B 46 -27.20 -41.12 1.80
C GLU B 46 -25.88 -41.23 2.56
N LEU B 47 -25.97 -41.29 3.88
CA LEU B 47 -24.80 -41.59 4.69
C LEU B 47 -24.43 -43.05 4.55
N VAL B 48 -23.24 -43.31 4.02
CA VAL B 48 -22.81 -44.67 3.62
C VAL B 48 -22.19 -45.40 4.82
N ALA B 49 -21.16 -44.82 5.42
CA ALA B 49 -20.47 -45.37 6.58
C ALA B 49 -19.75 -44.29 7.38
N THR B 50 -19.54 -44.52 8.67
CA THR B 50 -18.78 -43.60 9.51
C THR B 50 -17.82 -44.33 10.39
N ILE B 51 -16.84 -43.60 10.88
CA ILE B 51 -15.89 -44.11 11.84
C ILE B 51 -15.53 -43.03 12.86
N SER B 52 -15.64 -43.40 14.11
CA SER B 52 -15.69 -42.47 15.19
C SER B 52 -14.51 -42.73 16.07
N SER B 53 -13.73 -41.68 16.28
CA SER B 53 -12.41 -41.68 16.95
C SER B 53 -11.98 -42.87 17.86
N GLY B 54 -12.94 -43.59 18.48
CA GLY B 54 -12.67 -44.87 19.18
C GLY B 54 -12.50 -46.08 18.26
N SER B 55 -12.61 -45.87 16.94
CA SER B 55 -12.59 -46.92 15.88
C SER B 55 -13.94 -47.66 15.77
N THR B 56 -15.01 -46.99 16.20
CA THR B 56 -16.35 -47.54 16.16
C THR B 56 -17.06 -47.15 14.87
N THR B 57 -17.51 -48.15 14.14
CA THR B 57 -18.04 -47.98 12.79
C THR B 57 -19.57 -47.99 12.73
N TYR B 58 -20.11 -47.23 11.78
CA TYR B 58 -21.51 -47.34 11.43
C TYR B 58 -21.56 -47.58 9.92
N TYR B 59 -22.49 -48.45 9.53
CA TYR B 59 -22.75 -48.72 8.14
C TYR B 59 -24.21 -48.62 7.88
N ALA B 60 -24.56 -48.05 6.75
CA ALA B 60 -25.92 -48.10 6.28
C ALA B 60 -26.30 -49.53 5.92
N ASP B 61 -27.44 -50.02 6.41
CA ASP B 61 -28.11 -51.21 5.81
C ASP B 61 -28.20 -50.85 4.33
N SER B 62 -27.66 -51.69 3.48
CA SER B 62 -27.64 -51.43 2.02
C SER B 62 -26.23 -51.56 1.55
N VAL B 63 -25.30 -51.24 2.44
CA VAL B 63 -23.90 -51.55 2.21
C VAL B 63 -23.33 -52.49 3.28
N LYS B 64 -23.98 -52.59 4.45
CA LYS B 64 -23.54 -53.42 5.57
C LYS B 64 -23.28 -54.85 5.13
N GLY B 65 -22.05 -55.33 5.32
CA GLY B 65 -21.64 -56.63 4.81
C GLY B 65 -20.78 -56.51 3.55
N ARG B 66 -21.11 -55.60 2.64
CA ARG B 66 -20.35 -55.45 1.38
C ARG B 66 -19.20 -54.40 1.44
N PHE B 67 -19.28 -53.42 2.34
CA PHE B 67 -18.36 -52.27 2.37
C PHE B 67 -17.66 -52.12 3.71
N THR B 68 -16.40 -51.67 3.68
CA THR B 68 -15.61 -51.53 4.89
C THR B 68 -15.05 -50.13 4.92
N ILE B 69 -15.26 -49.43 6.04
CA ILE B 69 -14.61 -48.13 6.34
C ILE B 69 -13.36 -48.39 7.21
N SER B 70 -12.41 -47.48 7.17
CA SER B 70 -11.07 -47.78 7.63
C SER B 70 -10.20 -46.50 7.51
N ARG B 71 -9.33 -46.22 8.49
CA ARG B 71 -8.41 -45.07 8.39
C ARG B 71 -6.95 -45.44 8.65
N ASP B 72 -6.05 -44.61 8.13
CA ASP B 72 -4.64 -44.74 8.40
C ASP B 72 -4.24 -43.45 9.10
N ASN B 73 -4.32 -43.47 10.43
CA ASN B 73 -4.01 -42.31 11.25
C ASN B 73 -2.67 -41.62 10.95
N ALA B 74 -1.67 -42.44 10.66
CA ALA B 74 -0.32 -41.98 10.32
C ALA B 74 -0.30 -41.10 9.08
N LYS B 75 -1.01 -41.50 8.04
CA LYS B 75 -1.03 -40.74 6.81
C LYS B 75 -2.28 -39.87 6.67
N ASN B 76 -3.05 -39.70 7.74
CA ASN B 76 -4.28 -38.91 7.70
C ASN B 76 -5.20 -39.26 6.54
N THR B 77 -5.40 -40.56 6.28
CA THR B 77 -6.18 -41.00 5.11
C THR B 77 -7.35 -41.91 5.48
N LEU B 78 -8.47 -41.69 4.78
CA LEU B 78 -9.71 -42.44 5.01
C LEU B 78 -9.99 -43.29 3.79
N TYR B 79 -10.31 -44.55 4.05
CA TYR B 79 -10.59 -45.54 3.00
C TYR B 79 -12.04 -46.04 3.04
N LEU B 80 -12.51 -46.48 1.88
CA LEU B 80 -13.76 -47.22 1.77
C LEU B 80 -13.59 -48.38 0.79
N GLN B 81 -13.35 -49.58 1.33
CA GLN B 81 -13.34 -50.81 0.53
C GLN B 81 -14.78 -51.15 0.17
N MET B 82 -15.06 -51.34 -1.11
CA MET B 82 -16.40 -51.64 -1.60
C MET B 82 -16.33 -52.95 -2.38
N ASN B 83 -16.97 -54.00 -1.85
CA ASN B 83 -16.98 -55.30 -2.50
C ASN B 83 -18.36 -55.64 -3.02
N SER B 84 -18.39 -56.55 -3.99
CA SER B 84 -19.63 -57.01 -4.63
C SER B 84 -20.51 -55.86 -5.06
N LEU B 85 -20.00 -54.99 -5.91
CA LEU B 85 -20.79 -53.84 -6.38
C LEU B 85 -21.99 -54.22 -7.27
N LYS B 86 -23.12 -53.56 -7.03
CA LYS B 86 -24.32 -53.71 -7.82
C LYS B 86 -24.52 -52.37 -8.50
N PRO B 87 -25.10 -52.34 -9.72
CA PRO B 87 -25.43 -51.08 -10.42
C PRO B 87 -26.13 -50.01 -9.56
N GLU B 88 -26.96 -50.43 -8.60
CA GLU B 88 -27.59 -49.53 -7.62
C GLU B 88 -26.58 -48.77 -6.71
N ASP B 89 -25.30 -49.11 -6.74
CA ASP B 89 -24.24 -48.30 -6.08
C ASP B 89 -23.67 -47.10 -6.88
N THR B 90 -24.10 -46.94 -8.14
CA THR B 90 -23.66 -45.82 -8.97
C THR B 90 -24.03 -44.50 -8.34
N ALA B 91 -23.03 -43.69 -8.04
CA ALA B 91 -23.27 -42.38 -7.46
C ALA B 91 -21.96 -41.66 -7.28
N MET B 92 -22.08 -40.37 -6.95
CA MET B 92 -20.99 -39.58 -6.45
C MET B 92 -20.78 -39.95 -4.98
N TYR B 93 -19.58 -40.40 -4.66
CA TYR B 93 -19.24 -40.65 -3.27
C TYR B 93 -18.49 -39.43 -2.67
N TYR B 94 -18.97 -38.91 -1.55
CA TYR B 94 -18.27 -37.82 -0.86
C TYR B 94 -17.60 -38.24 0.47
N CYS B 95 -16.31 -37.91 0.57
CA CYS B 95 -15.60 -37.98 1.83
C CYS B 95 -16.13 -36.88 2.72
N ALA B 96 -16.29 -37.17 4.00
CA ALA B 96 -16.86 -36.18 4.91
C ALA B 96 -16.29 -36.26 6.33
N ALA B 97 -16.52 -35.22 7.12
CA ALA B 97 -16.08 -35.19 8.51
C ALA B 97 -16.94 -34.30 9.40
N TYR B 98 -16.89 -34.65 10.69
CA TYR B 98 -17.64 -34.03 11.76
C TYR B 98 -16.65 -33.40 12.74
N SER B 99 -16.73 -32.07 12.84
CA SER B 99 -15.94 -31.26 13.78
C SER B 99 -16.51 -31.44 15.16
N ASP B 100 -15.71 -31.09 16.17
CA ASP B 100 -16.13 -31.19 17.57
C ASP B 100 -17.24 -30.19 17.96
N ARG B 101 -17.59 -29.27 17.09
CA ARG B 101 -18.80 -28.46 17.34
C ARG B 101 -20.07 -29.33 17.40
N LEU B 102 -20.03 -30.47 16.72
CA LEU B 102 -21.19 -31.35 16.60
C LEU B 102 -21.25 -32.39 17.70
N THR B 103 -20.41 -32.25 18.71
CA THR B 103 -20.23 -33.24 19.76
C THR B 103 -21.55 -33.77 20.35
N ASP B 104 -22.41 -32.91 20.86
CA ASP B 104 -23.55 -33.41 21.63
C ASP B 104 -24.70 -33.80 20.71
N CYS B 105 -24.60 -33.43 19.42
CA CYS B 105 -25.63 -33.68 18.39
C CYS B 105 -25.39 -35.01 17.61
N SER B 106 -26.18 -36.03 17.92
CA SER B 106 -26.03 -37.38 17.36
C SER B 106 -26.45 -37.53 15.88
N ASN B 107 -27.44 -36.74 15.45
CA ASN B 107 -27.93 -36.81 14.07
C ASN B 107 -27.67 -35.56 13.20
N CYS B 108 -26.73 -34.71 13.62
CA CYS B 108 -26.27 -33.61 12.79
C CYS B 108 -25.52 -34.19 11.62
N GLU B 109 -25.54 -33.55 10.46
CA GLU B 109 -24.72 -34.07 9.36
C GLU B 109 -23.36 -33.37 9.26
N ALA B 110 -22.40 -34.08 8.68
CA ALA B 110 -21.00 -33.65 8.65
C ALA B 110 -20.88 -32.23 8.19
N ASP B 111 -19.97 -31.49 8.82
CA ASP B 111 -19.80 -30.10 8.50
C ASP B 111 -18.54 -29.86 7.68
N TYR B 112 -17.84 -30.93 7.30
CA TYR B 112 -16.77 -30.81 6.28
C TYR B 112 -16.96 -31.81 5.14
N TRP B 113 -16.73 -31.42 3.89
CA TRP B 113 -17.02 -32.32 2.77
C TRP B 113 -16.01 -32.20 1.68
N GLY B 114 -15.66 -33.31 1.03
CA GLY B 114 -14.79 -33.27 -0.18
C GLY B 114 -15.59 -32.85 -1.39
N GLN B 115 -14.98 -32.87 -2.58
CA GLN B 115 -15.66 -32.48 -3.81
C GLN B 115 -16.31 -33.64 -4.52
N GLY B 116 -16.24 -34.82 -3.89
CA GLY B 116 -16.83 -36.05 -4.42
C GLY B 116 -16.06 -36.72 -5.55
N THR B 117 -16.21 -38.04 -5.64
CA THR B 117 -15.64 -38.86 -6.72
C THR B 117 -16.70 -39.81 -7.30
N GLN B 118 -16.67 -40.03 -8.62
CA GLN B 118 -17.70 -40.83 -9.28
C GLN B 118 -17.39 -42.34 -9.33
N VAL B 119 -18.36 -43.14 -8.90
CA VAL B 119 -18.30 -44.60 -9.01
C VAL B 119 -19.49 -45.08 -9.89
N THR B 120 -19.22 -45.62 -11.09
CA THR B 120 -20.28 -46.15 -11.93
C THR B 120 -20.11 -47.63 -12.07
N VAL B 121 -21.11 -48.35 -11.56
CA VAL B 121 -21.22 -49.79 -11.75
C VAL B 121 -22.28 -50.08 -12.80
N ALA C 56 -6.50 -31.80 -38.57
CA ALA C 56 -6.80 -30.33 -38.53
C ALA C 56 -6.95 -29.81 -37.09
N ILE C 57 -7.38 -30.68 -36.18
CA ILE C 57 -7.35 -30.37 -34.75
C ILE C 57 -5.92 -30.07 -34.39
N ASN C 58 -5.00 -30.92 -34.82
CA ASN C 58 -3.58 -30.74 -34.51
C ASN C 58 -2.87 -29.59 -35.23
N ALA C 59 -3.34 -29.25 -36.43
CA ALA C 59 -2.87 -28.06 -37.15
C ALA C 59 -3.22 -26.78 -36.38
N ALA C 60 -4.47 -26.73 -35.91
CA ALA C 60 -4.93 -25.62 -35.08
C ALA C 60 -4.16 -25.54 -33.77
N ARG C 61 -3.58 -26.65 -33.32
CA ARG C 61 -2.74 -26.64 -32.10
C ARG C 61 -1.33 -26.13 -32.37
N GLU C 62 -0.72 -26.57 -33.46
CA GLU C 62 0.54 -25.96 -33.90
C GLU C 62 0.38 -24.46 -34.16
N ASN C 63 -0.79 -24.05 -34.62
CA ASN C 63 -1.11 -22.63 -34.84
C ASN C 63 -1.21 -21.80 -33.58
N LEU C 64 -1.86 -22.36 -32.58
CA LEU C 64 -1.91 -21.75 -31.25
C LEU C 64 -0.55 -21.70 -30.57
N GLY C 65 0.23 -22.76 -30.68
CA GLY C 65 1.61 -22.75 -30.20
C GLY C 65 2.41 -21.66 -30.87
N ALA C 66 2.29 -21.57 -32.19
CA ALA C 66 2.99 -20.57 -32.98
C ALA C 66 2.62 -19.13 -32.58
N SER C 67 1.32 -18.90 -32.36
CA SER C 67 0.84 -17.54 -32.08
C SER C 67 1.06 -17.15 -30.60
N ALA C 68 1.06 -18.12 -29.70
CA ALA C 68 1.41 -17.86 -28.32
C ALA C 68 2.82 -17.32 -28.29
N LYS C 69 3.72 -17.99 -28.98
CA LYS C 69 5.10 -17.52 -29.09
C LYS C 69 5.19 -16.11 -29.70
N ASN C 70 4.40 -15.82 -30.74
CA ASN C 70 4.36 -14.45 -31.29
C ASN C 70 3.87 -13.43 -30.26
N LEU C 71 2.96 -13.83 -29.39
CA LEU C 71 2.42 -12.93 -28.39
C LEU C 71 3.29 -12.71 -27.12
N ILE C 72 3.78 -13.81 -26.54
CA ILE C 72 4.44 -13.76 -25.24
C ILE C 72 5.96 -13.95 -25.30
N GLY C 73 6.47 -14.51 -26.39
CA GLY C 73 7.91 -14.69 -26.59
C GLY C 73 8.56 -13.56 -27.36
N ASP C 74 7.82 -12.93 -28.24
CA ASP C 74 8.36 -11.88 -29.07
C ASP C 74 8.03 -10.51 -28.48
N THR C 75 8.58 -9.47 -29.09
CA THR C 75 8.45 -8.13 -28.54
C THR C 75 8.12 -7.14 -29.64
N LYS C 76 9.11 -6.79 -30.46
CA LYS C 76 8.93 -5.91 -31.62
C LYS C 76 7.59 -6.15 -32.36
N ASN C 77 7.27 -7.40 -32.62
CA ASN C 77 6.10 -7.73 -33.41
C ASN C 77 4.98 -8.41 -32.63
N SER C 78 4.93 -8.17 -31.32
CA SER C 78 3.84 -8.65 -30.50
C SER C 78 2.86 -7.55 -30.22
N PRO C 79 1.62 -7.70 -30.70
CA PRO C 79 0.62 -6.71 -30.29
C PRO C 79 0.59 -6.55 -28.76
N ALA C 80 0.66 -7.68 -28.09
CA ALA C 80 0.52 -7.71 -26.64
C ALA C 80 1.66 -6.92 -26.04
N TYR C 81 2.85 -7.16 -26.53
CA TYR C 81 3.99 -6.49 -26.00
C TYR C 81 3.85 -4.97 -26.23
N GLN C 82 3.48 -4.58 -27.44
CA GLN C 82 3.42 -3.17 -27.75
C GLN C 82 2.37 -2.49 -26.91
N ALA C 83 1.30 -3.18 -26.61
CA ALA C 83 0.22 -2.60 -25.83
C ALA C 83 0.63 -2.34 -24.40
N VAL C 84 1.47 -3.22 -23.88
CA VAL C 84 1.93 -3.11 -22.53
C VAL C 84 2.88 -1.94 -22.49
N LEU C 85 3.77 -1.86 -23.48
CA LEU C 85 4.70 -0.77 -23.59
C LEU C 85 3.95 0.57 -23.69
N LEU C 86 2.95 0.62 -24.55
CA LEU C 86 2.19 1.85 -24.75
C LEU C 86 1.56 2.34 -23.45
N ALA C 87 1.06 1.42 -22.62
CA ALA C 87 0.40 1.84 -21.37
C ALA C 87 1.40 2.47 -20.39
N ILE C 88 2.61 1.91 -20.37
CA ILE C 88 3.62 2.31 -19.46
C ILE C 88 4.16 3.61 -19.95
N ASN C 89 4.54 3.64 -21.22
CA ASN C 89 5.02 4.90 -21.79
C ASN C 89 4.02 6.05 -21.66
N ALA C 90 2.72 5.75 -21.78
CA ALA C 90 1.72 6.82 -21.63
C ALA C 90 1.75 7.39 -20.22
N ALA C 91 2.02 6.54 -19.23
CA ALA C 91 2.04 6.99 -17.87
C ALA C 91 3.26 7.87 -17.60
N VAL C 92 4.46 7.37 -17.94
CA VAL C 92 5.73 8.08 -17.82
C VAL C 92 5.65 9.41 -18.58
N GLY C 93 5.13 9.33 -19.81
CA GLY C 93 4.95 10.49 -20.68
C GLY C 93 4.08 11.59 -20.06
N PHE C 94 3.08 11.17 -19.32
CA PHE C 94 2.18 12.12 -18.65
C PHE C 94 2.93 13.01 -17.70
N TRP C 95 3.77 12.38 -16.87
CA TRP C 95 4.51 13.11 -15.85
C TRP C 95 5.54 13.98 -16.48
N ASN C 96 6.31 13.43 -17.43
CA ASN C 96 7.21 14.21 -18.26
C ASN C 96 6.60 15.48 -18.86
N VAL C 97 5.29 15.51 -19.07
CA VAL C 97 4.60 16.67 -19.66
C VAL C 97 4.30 17.71 -18.61
N LEU C 98 3.76 17.25 -17.47
CA LEU C 98 3.26 18.14 -16.43
C LEU C 98 4.07 18.22 -15.12
N GLY C 99 5.05 17.36 -14.95
CA GLY C 99 5.76 17.28 -13.69
C GLY C 99 6.28 18.66 -13.34
N TYR C 100 6.91 19.30 -14.34
CA TYR C 100 7.59 20.57 -14.17
C TYR C 100 6.64 21.64 -13.71
N ALA C 101 5.37 21.53 -14.07
CA ALA C 101 4.40 22.59 -13.70
C ALA C 101 3.79 22.43 -12.29
N THR C 102 4.21 21.40 -11.59
CA THR C 102 3.58 21.00 -10.33
C THR C 102 4.30 21.60 -9.12
N GLN C 103 3.55 22.18 -8.21
CA GLN C 103 4.18 22.79 -7.03
C GLN C 103 4.35 21.74 -5.99
N CYS C 104 5.32 21.94 -5.11
CA CYS C 104 5.63 20.98 -4.09
C CYS C 104 6.61 21.48 -3.06
N GLY C 105 6.42 21.01 -1.84
CA GLY C 105 7.25 21.42 -0.74
C GLY C 105 6.73 20.84 0.53
N GLY C 106 7.10 21.52 1.63
CA GLY C 106 6.76 21.17 3.00
C GLY C 106 7.86 20.33 3.65
N ASN C 107 7.54 19.90 4.86
CA ASN C 107 8.42 19.06 5.61
C ASN C 107 7.96 17.60 5.56
N ALA C 108 8.71 16.72 6.23
CA ALA C 108 8.42 15.28 6.30
C ALA C 108 7.01 14.89 6.65
N ASN C 109 6.29 15.68 7.45
CA ASN C 109 4.90 15.40 7.89
C ASN C 109 3.87 16.13 7.05
N GLY C 110 4.27 16.63 5.89
CA GLY C 110 3.34 17.28 4.98
C GLY C 110 2.77 18.58 5.55
N GLN C 111 3.60 19.27 6.32
CA GLN C 111 3.28 20.58 6.84
C GLN C 111 4.00 21.62 6.02
N GLU C 112 3.44 22.84 6.05
CA GLU C 112 4.06 24.04 5.61
C GLU C 112 5.51 23.99 6.02
N SER C 113 6.40 24.42 5.16
CA SER C 113 7.73 24.77 5.61
C SER C 113 8.07 26.15 5.09
N THR C 114 8.74 26.95 5.89
CA THR C 114 9.11 28.26 5.43
C THR C 114 10.46 28.22 4.74
N SER C 115 11.34 27.26 5.06
CA SER C 115 12.71 27.19 4.44
C SER C 115 13.06 25.99 3.56
N SER C 116 12.19 25.01 3.46
CA SER C 116 12.60 23.75 2.87
C SER C 116 12.58 23.73 1.35
N THR C 117 13.75 23.49 0.77
CA THR C 117 13.87 23.19 -0.63
C THR C 117 14.41 21.77 -0.78
N THR C 118 13.63 20.91 -1.42
CA THR C 118 14.00 19.53 -1.66
C THR C 118 14.02 19.23 -3.15
N ILE C 119 15.17 18.81 -3.65
CA ILE C 119 15.38 18.62 -5.08
C ILE C 119 15.61 17.16 -5.43
N PHE C 120 14.82 16.68 -6.38
CA PHE C 120 14.90 15.32 -6.89
C PHE C 120 15.55 15.27 -8.25
N ASN C 121 16.69 14.58 -8.37
CA ASN C 121 17.45 14.44 -9.62
C ASN C 121 16.87 13.48 -10.69
N ASN C 122 17.30 13.68 -11.93
CA ASN C 122 16.82 12.88 -13.07
C ASN C 122 15.31 12.92 -13.08
N GLU C 123 14.79 14.14 -12.96
CA GLU C 123 13.36 14.42 -13.05
C GLU C 123 13.15 15.56 -14.04
N PRO C 124 12.01 15.57 -14.74
CA PRO C 124 11.77 16.50 -15.85
C PRO C 124 11.27 17.87 -15.41
N GLY C 125 12.17 18.66 -14.83
CA GLY C 125 11.85 20.03 -14.34
C GLY C 125 12.05 21.15 -15.34
N TYR C 126 11.70 22.36 -14.95
CA TYR C 126 11.70 23.49 -15.86
C TYR C 126 13.14 23.85 -16.20
N ARG C 127 13.52 23.66 -17.45
CA ARG C 127 14.88 23.92 -17.90
C ARG C 127 15.93 23.20 -17.05
N SER C 128 15.69 21.96 -16.72
CA SER C 128 16.48 21.34 -15.66
C SER C 128 16.30 19.83 -15.62
N THR C 129 17.32 19.14 -15.13
CA THR C 129 17.25 17.68 -14.96
C THR C 129 16.82 17.26 -13.54
N SER C 130 16.23 18.19 -12.80
CA SER C 130 15.70 17.97 -11.47
C SER C 130 14.38 18.66 -11.32
N ILE C 131 13.57 18.19 -10.41
CA ILE C 131 12.38 18.90 -10.06
C ILE C 131 12.61 19.49 -8.68
N THR C 132 12.31 20.77 -8.57
CA THR C 132 12.62 21.53 -7.39
C THR C 132 11.34 21.68 -6.60
N CYS C 133 11.33 21.14 -5.39
CA CYS C 133 10.18 21.21 -4.53
C CYS C 133 10.52 22.18 -3.47
N SER C 134 10.06 23.42 -3.64
CA SER C 134 10.56 24.55 -2.86
C SER C 134 9.46 25.55 -2.56
N LEU C 135 8.21 25.08 -2.57
CA LEU C 135 7.10 25.94 -2.26
C LEU C 135 6.93 26.02 -0.76
N ASN C 136 6.89 27.23 -0.25
CA ASN C 136 7.04 27.49 1.18
C ASN C 136 5.81 28.19 1.70
N ARG C 137 5.55 28.02 2.99
CA ARG C 137 4.50 28.75 3.74
C ARG C 137 3.08 28.25 3.61
N TYR C 138 2.79 27.35 2.68
CA TYR C 138 1.45 26.76 2.58
C TYR C 138 1.58 25.27 2.71
N LYS C 139 0.62 24.71 3.44
CA LYS C 139 0.60 23.30 3.74
C LYS C 139 0.22 22.49 2.49
N PRO C 140 0.89 21.35 2.30
CA PRO C 140 0.53 20.55 1.14
C PRO C 140 -0.88 19.95 1.22
N GLY C 141 -1.45 19.65 0.05
CA GLY C 141 -2.81 19.16 -0.02
C GLY C 141 -3.34 19.21 -1.43
N TYR C 142 -4.59 18.79 -1.58
CA TYR C 142 -5.40 18.91 -2.80
C TYR C 142 -5.43 20.35 -3.34
N TYR C 143 -5.10 20.54 -4.61
CA TYR C 143 -5.07 21.89 -5.20
C TYR C 143 -4.06 22.82 -4.53
N GLY C 144 -3.09 22.19 -3.88
CA GLY C 144 -2.04 22.87 -3.19
C GLY C 144 -0.78 22.21 -3.67
N PRO C 145 0.32 22.46 -2.98
CA PRO C 145 1.57 21.76 -3.39
C PRO C 145 1.53 20.29 -3.06
N MET C 146 2.22 19.47 -3.85
CA MET C 146 2.38 18.05 -3.53
C MET C 146 3.36 17.97 -2.34
N SER C 147 3.09 17.03 -1.43
CA SER C 147 3.92 16.83 -0.27
C SER C 147 5.16 16.05 -0.66
N ILE C 148 6.17 16.09 0.17
CA ILE C 148 7.39 15.36 -0.12
C ILE C 148 7.19 13.84 -0.02
N GLU C 149 6.36 13.39 0.93
CA GLU C 149 5.89 11.99 1.02
C GLU C 149 5.36 11.46 -0.31
N ASN C 150 4.41 12.17 -0.87
CA ASN C 150 3.91 11.81 -2.16
C ASN C 150 4.95 11.88 -3.25
N PHE C 151 5.77 12.93 -3.23
CA PHE C 151 6.67 13.15 -4.35
C PHE C 151 7.72 12.01 -4.38
N LYS C 152 8.14 11.56 -3.21
CA LYS C 152 9.08 10.44 -3.12
C LYS C 152 8.50 9.12 -3.67
N LYS C 153 7.24 8.84 -3.31
CA LYS C 153 6.49 7.73 -3.83
C LYS C 153 6.48 7.78 -5.38
N LEU C 154 6.18 8.96 -5.91
CA LEU C 154 6.12 9.20 -7.33
C LEU C 154 7.51 9.10 -7.89
N ASN C 155 8.47 9.74 -7.26
CA ASN C 155 9.80 9.71 -7.80
C ASN C 155 10.38 8.29 -7.83
N GLU C 156 10.12 7.48 -6.83
CA GLU C 156 10.66 6.11 -6.80
C GLU C 156 10.14 5.36 -8.04
N ALA C 157 8.84 5.43 -8.23
CA ALA C 157 8.20 4.81 -9.38
C ALA C 157 8.74 5.33 -10.75
N TYR C 158 8.93 6.65 -10.85
CA TYR C 158 9.44 7.24 -12.07
C TYR C 158 10.83 6.73 -12.36
N GLN C 159 11.66 6.65 -11.32
CA GLN C 159 13.04 6.23 -11.50
C GLN C 159 13.13 4.73 -11.94
N ILE C 160 12.24 3.88 -11.39
CA ILE C 160 12.20 2.44 -11.76
C ILE C 160 11.76 2.34 -13.21
N LEU C 161 10.69 3.03 -13.55
CA LEU C 161 10.21 3.00 -14.93
C LEU C 161 11.25 3.51 -15.93
N GLN C 162 11.90 4.65 -15.70
CA GLN C 162 12.89 5.12 -16.69
C GLN C 162 14.09 4.23 -16.80
N THR C 163 14.50 3.62 -15.70
CA THR C 163 15.65 2.74 -15.77
C THR C 163 15.32 1.45 -16.52
N ALA C 164 14.16 0.88 -16.21
CA ALA C 164 13.75 -0.39 -16.81
C ALA C 164 13.38 -0.24 -18.29
N LEU C 165 12.70 0.86 -18.63
CA LEU C 165 12.45 1.21 -20.03
C LEU C 165 13.75 1.43 -20.76
N ASN C 166 14.66 2.11 -20.10
CA ASN C 166 15.99 2.30 -20.65
C ASN C 166 16.68 0.97 -20.95
N LYS C 167 16.49 -0.01 -20.08
CA LYS C 167 17.19 -1.26 -20.21
C LYS C 167 16.48 -2.21 -21.19
N GLY C 168 15.14 -2.16 -21.24
CA GLY C 168 14.34 -3.00 -22.11
C GLY C 168 13.32 -3.76 -21.30
N LEU C 169 12.06 -3.62 -21.64
CA LEU C 169 11.03 -4.44 -21.07
C LEU C 169 11.18 -5.81 -21.72
N PRO C 170 11.23 -6.87 -20.92
CA PRO C 170 11.34 -8.15 -21.63
C PRO C 170 10.00 -8.57 -22.16
N ALA C 171 10.00 -9.68 -22.90
CA ALA C 171 8.76 -10.30 -23.41
C ALA C 171 7.88 -10.73 -22.26
N LEU C 172 6.57 -10.80 -22.49
CA LEU C 172 5.60 -11.08 -21.41
C LEU C 172 5.85 -12.41 -20.65
N LYS C 173 6.34 -13.44 -21.35
CA LYS C 173 6.68 -14.69 -20.69
C LYS C 173 7.89 -14.53 -19.78
N GLU C 174 8.80 -13.61 -20.10
CA GLU C 174 10.03 -13.46 -19.34
C GLU C 174 9.76 -12.56 -18.13
N ASN C 175 9.62 -13.12 -16.93
CA ASN C 175 9.31 -12.31 -15.71
C ASN C 175 10.15 -12.62 -14.47
N ASN C 176 11.40 -12.90 -14.72
CA ASN C 176 12.36 -13.31 -13.76
C ASN C 176 13.43 -12.21 -13.73
N GLY C 177 13.27 -11.24 -14.63
CA GLY C 177 14.32 -10.30 -14.89
C GLY C 177 14.32 -9.24 -13.82
N THR C 178 15.49 -8.65 -13.56
CA THR C 178 15.56 -7.56 -12.64
C THR C 178 16.49 -6.48 -13.16
N VAL C 179 16.48 -5.37 -12.44
CA VAL C 179 17.28 -4.22 -12.82
C VAL C 179 17.72 -3.45 -11.57
N SER C 180 18.86 -2.76 -11.66
CA SER C 180 19.32 -1.84 -10.57
C SER C 180 18.88 -0.44 -10.85
N VAL C 181 18.42 0.25 -9.81
CA VAL C 181 17.91 1.63 -9.92
C VAL C 181 18.61 2.47 -8.85
N THR C 182 19.17 3.60 -9.23
CA THR C 182 19.91 4.44 -8.31
C THR C 182 19.32 5.83 -8.47
N TYR C 183 19.12 6.58 -7.40
CA TYR C 183 18.52 7.89 -7.57
C TYR C 183 18.87 8.82 -6.41
N THR C 184 19.23 10.07 -6.71
CA THR C 184 19.65 11.00 -5.67
C THR C 184 18.64 12.11 -5.50
N TYR C 185 18.49 12.60 -4.28
CA TYR C 185 17.80 13.87 -4.04
C TYR C 185 18.54 14.69 -2.98
N THR C 186 18.30 16.00 -2.99
CA THR C 186 18.89 16.87 -1.99
C THR C 186 17.86 17.64 -1.16
N CYS C 187 18.27 17.96 0.09
CA CYS C 187 17.59 18.89 1.02
C CYS C 187 18.45 20.09 1.41
N SER C 188 17.88 21.27 1.33
CA SER C 188 18.50 22.41 1.98
C SER C 188 17.45 23.24 2.67
N GLY C 189 17.90 24.08 3.60
CA GLY C 189 17.04 24.96 4.37
C GLY C 189 17.03 24.50 5.80
N GLU C 190 17.37 25.36 6.75
CA GLU C 190 17.26 24.93 8.15
C GLU C 190 15.79 24.58 8.25
N GLY C 191 15.46 23.59 9.06
CA GLY C 191 14.07 23.14 9.12
C GLY C 191 13.67 22.07 8.12
N ASN C 192 14.55 21.75 7.17
CA ASN C 192 14.28 20.64 6.25
C ASN C 192 14.68 19.27 6.81
N ASP C 193 13.66 18.60 7.30
CA ASP C 193 13.80 17.25 7.82
C ASP C 193 13.55 16.17 6.73
N ASN C 194 13.58 16.51 5.44
CA ASN C 194 13.30 15.49 4.42
C ASN C 194 14.45 14.55 4.11
N CYS C 195 15.61 14.74 4.74
CA CYS C 195 16.79 13.89 4.51
C CYS C 195 17.39 13.37 5.81
N SER C 196 16.57 13.37 6.86
CA SER C 196 17.04 13.16 8.20
C SER C 196 16.69 11.71 8.64
N LYS C 197 17.28 11.28 9.75
CA LYS C 197 17.12 9.92 10.24
C LYS C 197 15.70 9.41 10.10
N LYS C 198 14.76 10.21 10.59
CA LYS C 198 13.32 9.91 10.58
C LYS C 198 12.77 9.51 9.24
N ALA C 199 13.20 10.18 8.18
CA ALA C 199 12.63 9.96 6.87
C ALA C 199 13.46 9.05 6.00
N THR C 200 14.59 8.62 6.53
CA THR C 200 15.69 8.11 5.75
C THR C 200 16.35 6.84 6.33
N GLY C 201 16.29 6.62 7.64
CA GLY C 201 16.78 5.41 8.27
C GLY C 201 18.26 5.46 8.67
N VAL C 202 18.95 6.51 8.26
CA VAL C 202 20.39 6.57 8.36
C VAL C 202 20.77 7.33 9.60
N SER C 203 21.58 6.69 10.44
CA SER C 203 22.07 7.31 11.66
C SER C 203 22.80 8.65 11.43
N ASP C 204 24.06 8.62 10.96
CA ASP C 204 24.83 9.87 10.73
C ASP C 204 24.50 10.44 9.33
N GLN C 205 23.56 11.36 9.35
CA GLN C 205 23.35 12.25 8.24
C GLN C 205 24.68 12.61 7.55
N ASN C 206 25.76 12.76 8.32
CA ASN C 206 27.08 13.09 7.79
C ASN C 206 27.93 11.87 7.34
N GLY C 207 27.54 11.27 6.24
CA GLY C 207 28.28 10.18 5.60
C GLY C 207 27.71 8.80 5.86
N GLY C 208 26.57 8.76 6.56
CA GLY C 208 26.02 7.50 7.03
C GLY C 208 25.44 6.68 5.90
N THR C 209 25.34 5.37 6.13
CA THR C 209 24.92 4.39 5.11
C THR C 209 24.19 3.17 5.73
N LYS C 210 22.98 2.91 5.29
CA LYS C 210 22.21 1.79 5.77
C LYS C 210 21.80 0.92 4.60
N THR C 211 21.91 -0.39 4.79
CA THR C 211 21.46 -1.39 3.82
C THR C 211 20.28 -2.16 4.42
N LYS C 212 19.12 -2.01 3.80
CA LYS C 212 17.90 -2.67 4.23
C LYS C 212 17.43 -3.61 3.12
N THR C 213 16.54 -4.54 3.43
CA THR C 213 15.70 -5.22 2.43
C THR C 213 14.24 -4.67 2.45
N GLN C 214 13.68 -4.44 1.27
CA GLN C 214 12.26 -4.11 1.09
C GLN C 214 11.66 -5.06 0.02
N THR C 215 10.35 -4.99 -0.17
CA THR C 215 9.67 -5.89 -1.10
C THR C 215 9.03 -5.10 -2.20
N ILE C 216 9.33 -5.44 -3.42
CA ILE C 216 8.67 -4.75 -4.51
C ILE C 216 8.11 -5.83 -5.44
N ASP C 217 6.80 -5.74 -5.70
CA ASP C 217 6.08 -6.76 -6.42
C ASP C 217 6.30 -8.22 -5.85
N GLY C 218 6.20 -8.34 -4.52
CA GLY C 218 6.42 -9.63 -3.85
C GLY C 218 7.82 -10.19 -3.99
N LYS C 219 8.80 -9.33 -4.26
CA LYS C 219 10.20 -9.73 -4.45
C LYS C 219 11.07 -8.91 -3.53
N THR C 220 12.09 -9.56 -3.00
CA THR C 220 13.02 -8.92 -2.10
C THR C 220 14.08 -8.13 -2.82
N VAL C 221 14.14 -6.84 -2.50
CA VAL C 221 15.02 -5.88 -3.13
C VAL C 221 15.99 -5.31 -2.09
N THR C 222 17.29 -5.47 -2.29
CA THR C 222 18.24 -4.91 -1.35
C THR C 222 18.51 -3.44 -1.64
N THR C 223 18.21 -2.55 -0.69
CA THR C 223 18.31 -1.11 -0.87
C THR C 223 19.47 -0.53 -0.06
N THR C 224 20.39 0.17 -0.72
CA THR C 224 21.44 0.87 0.01
C THR C 224 21.08 2.33 0.08
N ILE C 225 21.18 2.94 1.25
CA ILE C 225 20.90 4.38 1.39
C ILE C 225 22.15 5.01 1.90
N SER C 226 22.57 6.12 1.29
CA SER C 226 23.62 6.89 1.94
C SER C 226 23.40 8.38 1.88
N SER C 227 24.00 9.03 2.86
CA SER C 227 23.72 10.41 3.24
C SER C 227 25.06 11.12 3.39
N LYS C 228 25.13 12.31 2.81
CA LYS C 228 26.36 13.04 2.59
C LYS C 228 25.99 14.50 2.82
N VAL C 229 26.54 15.19 3.80
CA VAL C 229 26.30 16.63 3.87
C VAL C 229 27.37 17.33 3.09
N VAL C 230 26.96 18.37 2.36
CA VAL C 230 27.89 19.26 1.69
C VAL C 230 27.78 20.64 2.30
N ASP C 231 28.74 21.00 3.13
CA ASP C 231 28.84 22.35 3.70
C ASP C 231 28.70 23.41 2.65
N SER C 232 28.14 24.55 3.03
CA SER C 232 28.22 25.76 2.21
C SER C 232 29.66 26.20 1.97
N GLN C 233 30.55 25.86 2.89
CA GLN C 233 32.00 26.07 2.76
C GLN C 233 32.71 25.10 1.82
N ALA C 234 32.02 24.12 1.27
CA ALA C 234 32.69 23.03 0.55
C ALA C 234 33.25 23.43 -0.81
N LYS C 235 34.50 23.10 -1.10
CA LYS C 235 35.01 23.25 -2.47
C LYS C 235 34.12 22.49 -3.43
N GLY C 236 33.47 23.22 -4.33
CA GLY C 236 32.60 22.62 -5.35
C GLY C 236 31.16 23.09 -5.23
N ASN C 237 30.80 23.57 -4.04
CA ASN C 237 29.44 23.97 -3.78
C ASN C 237 29.28 25.43 -4.19
N THR C 238 28.97 25.66 -5.46
CA THR C 238 28.81 27.05 -5.96
C THR C 238 27.50 27.64 -5.47
N THR C 239 26.54 26.77 -5.27
CA THR C 239 25.32 27.04 -4.50
C THR C 239 25.59 27.88 -3.22
N ARG C 240 26.76 27.68 -2.62
CA ARG C 240 27.09 28.30 -1.34
C ARG C 240 26.04 28.17 -0.20
N VAL C 241 25.10 27.23 -0.31
CA VAL C 241 24.19 26.85 0.79
C VAL C 241 24.49 25.42 1.21
N SER C 242 24.41 25.11 2.50
CA SER C 242 24.58 23.74 3.00
C SER C 242 23.44 22.89 2.48
N TYR C 243 23.74 21.64 2.12
CA TYR C 243 22.70 20.70 1.74
C TYR C 243 23.10 19.29 2.09
N THR C 244 22.10 18.43 2.06
CA THR C 244 22.29 17.02 2.34
C THR C 244 21.88 16.26 1.12
N GLU C 245 22.72 15.32 0.68
CA GLU C 245 22.43 14.49 -0.50
C GLU C 245 22.13 13.05 -0.14
N ILE C 246 20.95 12.58 -0.51
CA ILE C 246 20.57 11.21 -0.25
C ILE C 246 20.65 10.39 -1.55
N THR C 247 21.50 9.36 -1.54
CA THR C 247 21.50 8.45 -2.64
C THR C 247 20.75 7.16 -2.29
N ASN C 248 19.90 6.68 -3.19
CA ASN C 248 19.34 5.32 -3.05
C ASN C 248 19.69 4.41 -4.22
N LYS C 249 20.16 3.20 -3.90
CA LYS C 249 20.37 2.14 -4.87
C LYS C 249 19.44 0.96 -4.56
N LEU C 250 18.65 0.54 -5.53
CA LEU C 250 17.72 -0.58 -5.36
C LEU C 250 18.29 -1.68 -6.23
N ASP C 251 18.78 -2.74 -5.58
CA ASP C 251 19.46 -3.83 -6.26
C ASP C 251 18.46 -4.94 -6.36
N GLY C 252 18.15 -5.31 -7.60
CA GLY C 252 17.21 -6.40 -7.87
C GLY C 252 15.76 -6.03 -8.07
N VAL C 253 15.45 -4.89 -8.64
CA VAL C 253 14.05 -4.56 -8.81
C VAL C 253 13.45 -5.36 -9.95
N PRO C 254 12.24 -5.91 -9.76
CA PRO C 254 11.60 -6.60 -10.87
C PRO C 254 11.39 -5.73 -12.11
N ASP C 255 11.75 -6.29 -13.26
CA ASP C 255 11.64 -5.62 -14.55
C ASP C 255 10.86 -6.61 -15.38
N SER C 256 9.56 -6.61 -15.23
CA SER C 256 8.72 -7.49 -15.99
C SER C 256 7.53 -6.66 -16.34
N ALA C 257 6.80 -7.03 -17.39
CA ALA C 257 5.56 -6.37 -17.74
C ALA C 257 4.72 -6.10 -16.50
N GLN C 258 4.56 -7.09 -15.66
CA GLN C 258 3.63 -6.92 -14.57
C GLN C 258 4.02 -5.86 -13.58
N ALA C 259 5.28 -5.94 -13.15
CA ALA C 259 5.82 -5.06 -12.14
C ALA C 259 5.86 -3.63 -12.61
N LEU C 260 6.37 -3.39 -13.80
CA LEU C 260 6.32 -2.02 -14.34
C LEU C 260 4.90 -1.47 -14.43
N LEU C 261 3.92 -2.31 -14.72
CA LEU C 261 2.54 -1.83 -14.73
C LEU C 261 2.09 -1.42 -13.35
N ALA C 262 2.56 -2.08 -12.31
CA ALA C 262 2.24 -1.60 -10.96
C ALA C 262 2.90 -0.22 -10.69
N GLN C 263 4.13 -0.07 -11.14
CA GLN C 263 4.81 1.20 -11.02
C GLN C 263 4.07 2.27 -11.80
N ALA C 264 3.66 1.94 -13.01
CA ALA C 264 2.88 2.90 -13.81
C ALA C 264 1.62 3.28 -13.07
N SER C 265 1.04 2.28 -12.43
CA SER C 265 -0.18 2.49 -11.70
C SER C 265 0.08 3.43 -10.55
N THR C 266 1.08 3.14 -9.74
CA THR C 266 1.42 3.99 -8.61
C THR C 266 1.71 5.45 -9.04
N LEU C 267 2.48 5.60 -10.11
CA LEU C 267 2.76 6.90 -10.71
C LEU C 267 1.48 7.66 -11.01
N ILE C 268 0.64 7.17 -11.92
CA ILE C 268 -0.51 7.97 -12.34
C ILE C 268 -1.47 8.17 -11.19
N ASN C 269 -1.54 7.22 -10.26
CA ASN C 269 -2.52 7.30 -9.18
C ASN C 269 -2.07 8.13 -7.99
N THR C 270 -0.76 8.23 -7.79
CA THR C 270 -0.22 9.15 -6.81
C THR C 270 -0.51 10.58 -7.29
N ILE C 271 -0.39 10.81 -8.59
CA ILE C 271 -0.78 12.08 -9.16
C ILE C 271 -2.26 12.40 -8.92
N ASN C 272 -3.14 11.62 -9.54
CA ASN C 272 -4.59 11.79 -9.33
C ASN C 272 -4.96 12.05 -7.87
N THR C 273 -4.40 11.30 -6.94
CA THR C 273 -4.90 11.33 -5.55
C THR C 273 -4.34 12.55 -4.84
N ALA C 274 -3.06 12.84 -5.01
CA ALA C 274 -2.48 14.04 -4.43
C ALA C 274 -3.07 15.32 -5.05
N CYS C 275 -3.21 15.32 -6.37
CA CYS C 275 -3.90 16.38 -7.11
C CYS C 275 -3.38 17.76 -6.78
N PRO C 276 -2.11 17.97 -7.02
CA PRO C 276 -1.53 19.26 -6.64
C PRO C 276 -1.83 20.35 -7.66
N TYR C 277 -1.51 21.59 -7.30
CA TYR C 277 -1.59 22.71 -8.20
C TYR C 277 -0.48 22.67 -9.20
N PHE C 278 -0.80 23.11 -10.41
CA PHE C 278 0.19 23.24 -11.48
C PHE C 278 0.01 24.60 -12.16
N SER C 279 1.11 25.15 -12.66
CA SER C 279 1.00 26.14 -13.72
C SER C 279 2.09 25.93 -14.75
N VAL C 280 1.63 25.92 -15.98
CA VAL C 280 2.47 25.58 -17.13
C VAL C 280 2.75 26.85 -17.87
N THR C 281 3.77 26.80 -18.70
CA THR C 281 4.07 27.86 -19.62
C THR C 281 4.08 27.27 -21.01
N ASN C 282 3.27 27.83 -21.90
CA ASN C 282 3.35 27.52 -23.31
C ASN C 282 4.58 28.03 -24.02
N LYS C 283 4.96 27.28 -25.05
CA LYS C 283 5.98 27.66 -26.02
C LYS C 283 5.35 28.71 -26.92
N SER C 284 6.17 29.49 -27.61
CA SER C 284 5.61 30.52 -28.52
C SER C 284 4.91 29.89 -29.73
N GLY C 285 5.49 28.81 -30.24
CA GLY C 285 4.99 28.22 -31.44
C GLY C 285 4.35 26.94 -31.05
N GLY C 286 3.57 26.39 -31.96
CA GLY C 286 3.05 25.06 -31.80
C GLY C 286 1.90 24.92 -30.83
N PRO C 287 1.52 23.67 -30.57
CA PRO C 287 0.36 23.42 -29.74
C PRO C 287 0.40 24.16 -28.40
N GLN C 288 -0.78 24.66 -28.02
CA GLN C 288 -0.97 25.44 -26.81
C GLN C 288 -1.85 24.63 -25.86
N MET C 289 -1.56 24.75 -24.57
CA MET C 289 -2.31 24.11 -23.50
C MET C 289 -3.08 25.22 -22.79
N GLU C 290 -4.41 25.13 -22.74
CA GLU C 290 -5.24 26.17 -22.10
C GLU C 290 -6.43 25.46 -21.40
N PRO C 291 -6.79 25.86 -20.15
CA PRO C 291 -6.11 26.84 -19.29
C PRO C 291 -4.74 26.35 -18.81
N THR C 292 -3.99 27.31 -18.27
CA THR C 292 -2.57 27.21 -18.03
C THR C 292 -2.28 26.97 -16.53
N ARG C 293 -3.30 26.63 -15.76
CA ARG C 293 -3.23 26.76 -14.34
C ARG C 293 -4.41 25.96 -13.78
N GLY C 294 -4.18 25.13 -12.77
CA GLY C 294 -5.26 24.39 -12.14
C GLY C 294 -4.73 23.21 -11.32
N LYS C 295 -5.47 22.11 -11.34
CA LYS C 295 -5.16 20.99 -10.49
C LYS C 295 -4.92 19.78 -11.34
N LEU C 296 -3.96 18.97 -10.95
CA LEU C 296 -3.44 17.92 -11.82
C LEU C 296 -4.50 16.88 -12.14
N CYS C 297 -5.32 16.56 -11.15
CA CYS C 297 -6.43 15.62 -11.31
C CYS C 297 -7.55 16.19 -12.19
N GLY C 298 -7.49 17.49 -12.48
CA GLY C 298 -8.39 18.09 -13.45
C GLY C 298 -8.18 17.62 -14.88
N PHE C 299 -7.06 16.96 -15.18
CA PHE C 299 -6.88 16.28 -16.47
C PHE C 299 -7.63 14.92 -16.47
N THR C 300 -8.93 14.98 -16.26
CA THR C 300 -9.74 13.79 -15.98
C THR C 300 -9.78 12.76 -17.11
N GLU C 301 -9.77 13.24 -18.34
CA GLU C 301 -9.84 12.39 -19.50
C GLU C 301 -8.48 11.71 -19.72
N GLU C 302 -7.37 12.45 -19.62
CA GLU C 302 -6.02 11.87 -19.80
C GLU C 302 -5.79 10.79 -18.75
N ILE C 303 -6.15 11.12 -17.51
CA ILE C 303 -5.93 10.23 -16.39
C ILE C 303 -6.79 8.97 -16.53
N SER C 304 -8.06 9.15 -16.84
CA SER C 304 -8.93 8.01 -17.13
C SER C 304 -8.39 7.05 -18.19
N ALA C 305 -7.98 7.59 -19.31
CA ALA C 305 -7.47 6.82 -20.40
C ALA C 305 -6.21 6.07 -19.98
N ILE C 306 -5.33 6.78 -19.30
CA ILE C 306 -4.08 6.19 -18.85
C ILE C 306 -4.40 5.08 -17.85
N GLN C 307 -5.33 5.32 -16.93
CA GLN C 307 -5.79 4.28 -16.00
C GLN C 307 -6.31 3.06 -16.75
N LYS C 308 -7.12 3.32 -17.77
CA LYS C 308 -7.79 2.29 -18.56
C LYS C 308 -6.81 1.46 -19.38
N MET C 309 -5.76 2.09 -19.89
CA MET C 309 -4.74 1.34 -20.61
C MET C 309 -3.88 0.48 -19.66
N ILE C 310 -3.74 0.92 -18.42
CA ILE C 310 -2.95 0.15 -17.44
C ILE C 310 -3.76 -1.08 -16.98
N THR C 311 -5.02 -0.86 -16.72
CA THR C 311 -5.92 -1.94 -16.45
C THR C 311 -5.93 -2.94 -17.57
N ASP C 312 -6.09 -2.46 -18.77
CA ASP C 312 -6.15 -3.37 -19.91
C ASP C 312 -4.86 -4.14 -20.04
N ALA C 313 -3.73 -3.45 -19.96
CA ALA C 313 -2.43 -4.13 -20.00
C ALA C 313 -2.24 -5.13 -18.89
N GLN C 314 -2.83 -4.83 -17.72
CA GLN C 314 -2.81 -5.77 -16.58
C GLN C 314 -3.61 -7.02 -16.89
N GLU C 315 -4.79 -6.83 -17.46
CA GLU C 315 -5.69 -7.90 -17.88
C GLU C 315 -5.05 -8.76 -18.95
N LEU C 316 -4.26 -8.09 -19.77
CA LEU C 316 -3.44 -8.69 -20.80
C LEU C 316 -2.33 -9.59 -20.20
N VAL C 317 -1.70 -9.16 -19.12
CA VAL C 317 -0.66 -9.96 -18.49
C VAL C 317 -1.25 -11.24 -17.85
N ASN C 318 -2.41 -11.14 -17.23
CA ASN C 318 -3.05 -12.33 -16.68
C ASN C 318 -3.31 -13.40 -17.70
N GLN C 319 -3.66 -12.99 -18.92
CA GLN C 319 -3.94 -13.97 -19.96
C GLN C 319 -2.70 -14.78 -20.30
N THR C 320 -1.53 -14.21 -20.04
CA THR C 320 -0.23 -14.85 -20.29
C THR C 320 -0.09 -16.14 -19.51
N SER C 321 -0.57 -16.16 -18.27
CA SER C 321 -0.42 -17.38 -17.47
C SER C 321 -1.35 -18.46 -17.93
N VAL C 322 -2.53 -18.09 -18.42
CA VAL C 322 -3.47 -19.09 -18.91
C VAL C 322 -2.78 -19.87 -20.04
N ILE C 323 -2.04 -19.14 -20.87
CA ILE C 323 -1.37 -19.73 -22.03
C ILE C 323 -0.25 -20.67 -21.60
N ASN C 324 0.61 -20.17 -20.72
CA ASN C 324 1.64 -20.98 -20.08
C ASN C 324 1.11 -22.24 -19.46
N GLU C 325 -0.03 -22.15 -18.79
CA GLU C 325 -0.64 -23.28 -18.10
C GLU C 325 -1.26 -24.31 -19.04
N HIS C 326 -1.24 -24.01 -20.34
CA HIS C 326 -1.82 -24.87 -21.36
C HIS C 326 -1.06 -24.76 -22.68
N GLU C 327 0.24 -25.05 -22.66
CA GLU C 327 1.06 -25.17 -23.87
C GLU C 327 0.46 -26.26 -24.79
N GLN C 328 0.62 -26.10 -26.12
CA GLN C 328 0.05 -27.05 -27.08
C GLN C 328 1.16 -27.70 -27.92
N SER C 347 -10.76 -34.47 -24.35
CA SER C 347 -10.61 -34.00 -22.95
C SER C 347 -9.64 -32.80 -22.81
N PHE C 348 -8.45 -32.93 -23.41
CA PHE C 348 -7.54 -31.80 -23.65
C PHE C 348 -8.26 -30.52 -24.15
N ALA C 349 -9.44 -30.69 -24.76
CA ALA C 349 -10.26 -29.62 -25.32
C ALA C 349 -10.39 -28.38 -24.43
N GLN C 350 -10.58 -28.59 -23.12
CA GLN C 350 -10.53 -27.49 -22.14
C GLN C 350 -9.33 -26.58 -22.34
N GLY C 351 -8.14 -27.19 -22.33
CA GLY C 351 -6.89 -26.44 -22.39
C GLY C 351 -6.79 -25.70 -23.70
N MET C 352 -7.09 -26.40 -24.78
CA MET C 352 -7.12 -25.79 -26.10
C MET C 352 -7.99 -24.53 -26.02
N LEU C 353 -9.21 -24.67 -25.46
CA LEU C 353 -10.15 -23.54 -25.32
C LEU C 353 -9.60 -22.43 -24.43
N ALA C 354 -9.13 -22.78 -23.25
CA ALA C 354 -8.59 -21.75 -22.36
C ALA C 354 -7.45 -20.93 -23.01
N ASN C 355 -6.58 -21.64 -23.71
CA ASN C 355 -5.44 -21.08 -24.43
C ASN C 355 -5.88 -20.19 -25.59
N ALA C 356 -6.79 -20.71 -26.38
CA ALA C 356 -7.31 -20.01 -27.55
C ALA C 356 -8.06 -18.78 -27.14
N SER C 357 -8.94 -18.92 -26.16
CA SER C 357 -9.70 -17.78 -25.62
C SER C 357 -8.81 -16.69 -25.05
N ALA C 358 -7.76 -17.12 -24.38
CA ALA C 358 -6.76 -16.22 -23.85
C ALA C 358 -6.14 -15.37 -24.95
N GLN C 359 -5.73 -16.04 -26.03
CA GLN C 359 -5.03 -15.38 -27.14
C GLN C 359 -5.94 -14.34 -27.76
N ALA C 360 -7.21 -14.71 -27.92
CA ALA C 360 -8.21 -13.81 -28.44
C ALA C 360 -8.41 -12.61 -27.54
N LYS C 361 -8.39 -12.84 -26.23
CA LYS C 361 -8.54 -11.76 -25.29
C LYS C 361 -7.32 -10.82 -25.34
N MET C 362 -6.12 -11.38 -25.44
CA MET C 362 -4.92 -10.51 -25.51
C MET C 362 -4.97 -9.60 -26.73
N LEU C 363 -5.44 -10.10 -27.88
CA LEU C 363 -5.61 -9.28 -29.08
C LEU C 363 -6.71 -8.25 -28.97
N ASN C 364 -7.78 -8.66 -28.34
CA ASN C 364 -8.84 -7.79 -28.07
C ASN C 364 -8.42 -6.62 -27.19
N LEU C 365 -7.70 -6.90 -26.11
CA LEU C 365 -7.30 -5.86 -25.19
C LEU C 365 -6.23 -4.97 -25.81
N ALA C 366 -5.37 -5.55 -26.63
CA ALA C 366 -4.33 -4.81 -27.31
C ALA C 366 -4.89 -3.75 -28.28
N HIS C 367 -5.82 -4.16 -29.15
CA HIS C 367 -6.50 -3.25 -30.08
C HIS C 367 -7.16 -2.15 -29.27
N GLN C 368 -7.73 -2.53 -28.14
CA GLN C 368 -8.42 -1.58 -27.30
C GLN C 368 -7.49 -0.51 -26.69
N VAL C 369 -6.30 -0.92 -26.27
CA VAL C 369 -5.28 0.00 -25.77
C VAL C 369 -4.85 0.96 -26.88
N GLY C 370 -4.68 0.44 -28.08
CA GLY C 370 -4.41 1.27 -29.26
C GLY C 370 -5.48 2.34 -29.57
N GLN C 371 -6.75 1.91 -29.57
CA GLN C 371 -7.89 2.79 -29.81
C GLN C 371 -8.03 3.88 -28.77
N THR C 372 -7.65 3.59 -27.52
CA THR C 372 -7.86 4.50 -26.39
C THR C 372 -7.11 5.82 -26.57
N ILE C 373 -5.89 5.73 -27.08
CA ILE C 373 -4.97 6.87 -27.18
C ILE C 373 -4.76 7.34 -28.62
N ASN C 374 -5.42 6.65 -29.55
CA ASN C 374 -5.30 6.96 -30.98
C ASN C 374 -5.84 8.35 -31.33
N PRO C 375 -5.01 9.21 -31.94
CA PRO C 375 -5.48 10.56 -32.29
C PRO C 375 -6.72 10.65 -33.14
N ASP C 376 -6.98 9.66 -33.98
CA ASP C 376 -8.20 9.69 -34.82
C ASP C 376 -9.53 9.41 -34.09
N ASN C 377 -9.46 8.85 -32.88
CA ASN C 377 -10.63 8.58 -32.07
C ASN C 377 -10.78 9.65 -31.03
N LEU C 378 -9.88 10.63 -31.03
CA LEU C 378 -9.87 11.66 -29.97
C LEU C 378 -10.34 12.98 -30.54
N THR C 379 -10.64 13.88 -29.63
CA THR C 379 -11.26 15.14 -30.02
C THR C 379 -10.98 16.25 -28.98
N GLY C 380 -11.07 17.50 -29.40
CA GLY C 380 -10.83 18.62 -28.46
C GLY C 380 -9.51 18.72 -27.70
N THR C 381 -9.60 18.98 -26.41
CA THR C 381 -8.43 19.28 -25.58
C THR C 381 -7.59 18.02 -25.39
N PHE C 382 -8.21 16.83 -25.35
CA PHE C 382 -7.49 15.58 -25.13
C PHE C 382 -6.68 15.20 -26.38
N LYS C 383 -7.31 15.25 -27.55
CA LYS C 383 -6.58 15.10 -28.83
C LYS C 383 -5.32 15.98 -28.89
N ASN C 384 -5.49 17.23 -28.51
CA ASN C 384 -4.45 18.21 -28.54
C ASN C 384 -3.32 17.83 -27.57
N PHE C 385 -3.71 17.32 -26.40
CA PHE C 385 -2.76 16.90 -25.40
C PHE C 385 -1.90 15.76 -25.93
N VAL C 386 -2.51 14.82 -26.66
CA VAL C 386 -1.79 13.68 -27.22
C VAL C 386 -0.93 14.12 -28.39
N THR C 387 -1.54 14.68 -29.42
CA THR C 387 -0.78 14.98 -30.60
C THR C 387 0.28 16.01 -30.41
N GLY C 388 0.05 17.01 -29.56
CA GLY C 388 1.00 18.10 -29.39
C GLY C 388 1.99 18.01 -28.23
N PHE C 389 1.66 17.19 -27.22
CA PHE C 389 2.49 17.08 -26.06
C PHE C 389 2.92 15.66 -25.73
N LEU C 390 1.96 14.81 -25.40
CA LEU C 390 2.29 13.51 -24.87
C LEU C 390 3.06 12.66 -25.87
N ALA C 391 2.72 12.73 -27.14
CA ALA C 391 3.38 11.96 -28.18
C ALA C 391 4.54 12.76 -28.85
N THR C 392 5.42 13.36 -28.04
CA THR C 392 6.55 14.16 -28.56
C THR C 392 7.73 14.13 -27.63
N CYS C 393 8.86 14.59 -28.14
CA CYS C 393 10.06 14.80 -27.33
C CYS C 393 10.72 16.14 -27.63
N ASN C 394 10.88 17.00 -26.63
CA ASN C 394 11.64 18.23 -26.84
C ASN C 394 13.12 18.10 -26.49
N ASN C 395 13.63 16.89 -26.26
CA ASN C 395 15.09 16.76 -26.08
C ASN C 395 15.79 17.12 -27.38
N LYS C 396 17.05 17.46 -27.31
CA LYS C 396 17.71 17.78 -28.56
C LYS C 396 18.21 16.58 -29.32
N SER C 407 19.09 9.91 -28.05
CA SER C 407 18.44 9.88 -26.74
C SER C 407 17.44 8.70 -26.59
N PRO C 408 17.95 7.56 -26.04
CA PRO C 408 17.16 6.34 -25.83
C PRO C 408 15.93 6.50 -24.92
N PRO C 409 15.20 5.38 -24.65
CA PRO C 409 14.00 5.37 -23.80
C PRO C 409 14.03 6.11 -22.43
N GLY C 410 15.11 6.01 -21.66
CA GLY C 410 15.07 6.46 -20.25
C GLY C 410 15.49 7.89 -19.98
N THR C 411 15.39 8.74 -21.00
CA THR C 411 16.28 9.88 -21.10
C THR C 411 15.63 11.23 -20.67
N VAL C 412 16.32 11.91 -19.73
CA VAL C 412 15.87 13.18 -19.11
C VAL C 412 16.86 14.32 -19.38
N THR C 413 16.43 15.37 -20.05
CA THR C 413 17.33 16.48 -20.28
C THR C 413 16.71 17.75 -19.76
N THR C 414 17.41 18.87 -19.90
CA THR C 414 16.80 20.16 -19.52
C THR C 414 15.54 20.51 -20.30
N GLN C 415 15.24 19.76 -21.37
CA GLN C 415 14.12 20.10 -22.28
C GLN C 415 13.13 18.95 -22.48
N THR C 416 13.15 17.96 -21.59
CA THR C 416 12.13 16.94 -21.53
C THR C 416 10.79 17.53 -21.10
N PHE C 417 10.80 18.60 -20.31
CA PHE C 417 9.54 19.12 -19.78
C PHE C 417 8.59 19.60 -20.87
N ALA C 418 7.30 19.37 -20.67
CA ALA C 418 6.23 19.74 -21.61
C ALA C 418 6.18 18.79 -22.84
N SER C 419 6.82 17.64 -22.72
CA SER C 419 6.82 16.63 -23.78
C SER C 419 6.82 15.26 -23.11
N GLY C 420 6.38 14.25 -23.83
CA GLY C 420 6.28 12.92 -23.26
C GLY C 420 7.63 12.26 -23.16
N CYS C 421 8.48 12.45 -24.18
CA CYS C 421 9.73 11.69 -24.29
C CYS C 421 9.67 10.23 -23.77
N ALA C 422 8.60 9.51 -24.12
CA ALA C 422 8.49 8.11 -23.83
C ALA C 422 8.10 7.29 -25.08
N TYR C 423 8.50 7.73 -26.26
CA TYR C 423 8.25 7.00 -27.49
C TYR C 423 6.77 6.65 -27.72
N VAL C 424 5.87 7.52 -27.31
CA VAL C 424 4.46 7.29 -27.53
C VAL C 424 4.04 7.36 -29.01
N GLU C 425 4.58 8.27 -29.82
CA GLU C 425 4.19 8.27 -31.28
C GLU C 425 4.58 6.94 -31.88
N GLN C 426 5.80 6.53 -31.58
CA GLN C 426 6.37 5.33 -32.17
C GLN C 426 5.65 4.05 -31.68
N THR C 427 5.29 3.99 -30.42
CA THR C 427 4.72 2.77 -29.88
C THR C 427 3.32 2.61 -30.40
N ILE C 428 2.55 3.69 -30.50
CA ILE C 428 1.21 3.63 -31.08
C ILE C 428 1.29 3.04 -32.50
N THR C 429 2.19 3.60 -33.31
CA THR C 429 2.50 3.09 -34.63
C THR C 429 2.71 1.59 -34.58
N ASN C 430 3.73 1.14 -33.83
CA ASN C 430 4.20 -0.23 -33.86
C ASN C 430 3.17 -1.22 -33.39
N LEU C 431 2.33 -0.76 -32.47
CA LEU C 431 1.21 -1.53 -31.97
C LEU C 431 0.21 -1.73 -33.05
N ASN C 432 -0.15 -0.67 -33.75
CA ASN C 432 -1.14 -0.78 -34.83
C ASN C 432 -0.63 -1.59 -36.05
N ASN C 433 0.68 -1.59 -36.25
CA ASN C 433 1.29 -2.35 -37.31
C ASN C 433 1.46 -3.82 -36.96
N SER C 434 1.72 -4.11 -35.69
CA SER C 434 1.92 -5.49 -35.32
C SER C 434 0.60 -6.19 -35.48
N ILE C 435 -0.49 -5.42 -35.23
CA ILE C 435 -1.89 -5.89 -35.46
C ILE C 435 -2.29 -6.07 -36.94
N ALA C 436 -1.96 -5.06 -37.76
CA ALA C 436 -2.05 -5.20 -39.19
C ALA C 436 -1.42 -6.54 -39.61
N HIS C 437 -0.17 -6.77 -39.20
CA HIS C 437 0.55 -8.00 -39.56
C HIS C 437 0.21 -9.22 -38.67
N PHE C 438 -0.94 -9.19 -37.99
CA PHE C 438 -1.38 -10.31 -37.13
C PHE C 438 -2.71 -10.92 -37.58
N GLY C 439 -3.15 -10.54 -38.78
CA GLY C 439 -4.45 -10.93 -39.31
C GLY C 439 -4.59 -12.41 -39.45
N THR C 440 -3.59 -13.06 -40.02
CA THR C 440 -3.67 -14.50 -40.22
C THR C 440 -3.74 -15.22 -38.89
N GLN C 441 -2.92 -14.78 -37.95
CA GLN C 441 -2.96 -15.32 -36.59
C GLN C 441 -4.30 -15.09 -35.93
N GLU C 442 -4.91 -13.92 -36.12
CA GLU C 442 -6.25 -13.65 -35.56
C GLU C 442 -7.34 -14.65 -36.07
N GLN C 443 -7.23 -15.10 -37.31
CA GLN C 443 -8.17 -16.09 -37.85
C GLN C 443 -7.84 -17.50 -37.40
N GLN C 444 -6.54 -17.79 -37.26
CA GLN C 444 -6.13 -19.10 -36.82
C GLN C 444 -6.55 -19.34 -35.37
N ILE C 445 -6.39 -18.28 -34.56
CA ILE C 445 -6.86 -18.27 -33.18
C ILE C 445 -8.37 -18.42 -33.11
N GLN C 446 -9.07 -17.69 -33.97
CA GLN C 446 -10.54 -17.78 -34.01
C GLN C 446 -10.98 -19.15 -34.45
N GLN C 447 -10.37 -19.68 -35.52
CA GLN C 447 -10.64 -21.05 -35.98
C GLN C 447 -10.51 -22.07 -34.85
N ALA C 448 -9.38 -22.03 -34.14
CA ALA C 448 -9.09 -22.99 -33.05
C ALA C 448 -10.05 -22.85 -31.87
N GLU C 449 -10.45 -21.62 -31.59
CA GLU C 449 -11.52 -21.33 -30.63
C GLU C 449 -12.78 -22.18 -30.92
N ASN C 450 -13.21 -22.22 -32.17
CA ASN C 450 -14.43 -22.97 -32.52
C ASN C 450 -14.22 -24.45 -32.45
N ILE C 451 -13.19 -24.94 -33.11
CA ILE C 451 -12.79 -26.34 -33.03
C ILE C 451 -12.74 -26.79 -31.57
N ALA C 452 -12.10 -25.99 -30.72
CA ALA C 452 -11.98 -26.33 -29.31
C ALA C 452 -13.34 -26.29 -28.58
N ASP C 453 -14.09 -25.20 -28.76
CA ASP C 453 -15.40 -25.06 -28.13
C ASP C 453 -16.34 -26.17 -28.56
N THR C 454 -16.29 -26.45 -29.86
CA THR C 454 -17.01 -27.56 -30.42
C THR C 454 -16.71 -28.82 -29.65
N LEU C 455 -15.43 -29.13 -29.56
CA LEU C 455 -14.98 -30.35 -28.88
C LEU C 455 -15.47 -30.39 -27.43
N VAL C 456 -15.31 -29.29 -26.71
CA VAL C 456 -15.78 -29.20 -25.33
C VAL C 456 -17.26 -29.59 -25.18
N ASN C 457 -18.09 -29.32 -26.18
CA ASN C 457 -19.50 -29.73 -26.12
C ASN C 457 -19.83 -30.96 -27.02
N PHE C 458 -19.92 -30.75 -28.34
CA PHE C 458 -20.63 -31.70 -29.25
C PHE C 458 -19.80 -32.96 -29.60
N GLN D 1 10.02 24.99 -6.96
CA GLN D 1 9.89 25.26 -8.41
C GLN D 1 10.54 26.60 -8.74
N VAL D 2 10.53 27.52 -7.78
CA VAL D 2 11.32 28.74 -7.83
C VAL D 2 12.30 28.71 -6.68
N GLN D 3 13.50 29.16 -6.94
CA GLN D 3 14.47 29.33 -5.91
C GLN D 3 14.93 30.76 -5.87
N LEU D 4 15.10 31.28 -4.64
CA LEU D 4 15.55 32.67 -4.41
C LEU D 4 16.78 32.70 -3.55
N GLN D 5 17.78 33.46 -3.95
CA GLN D 5 18.94 33.66 -3.10
C GLN D 5 19.43 35.13 -2.91
N GLU D 6 19.38 35.59 -1.67
CA GLU D 6 19.79 36.95 -1.26
C GLU D 6 21.27 37.13 -1.10
N SER D 7 21.70 38.39 -1.14
CA SER D 7 23.04 38.82 -0.68
C SER D 7 23.06 40.33 -0.44
N GLY D 8 24.14 40.80 0.18
CA GLY D 8 24.35 42.22 0.43
C GLY D 8 24.15 42.66 1.87
N GLY D 9 23.69 41.75 2.73
CA GLY D 9 23.48 42.10 4.14
C GLY D 9 24.79 42.48 4.82
N GLY D 10 24.69 43.18 5.94
CA GLY D 10 25.91 43.54 6.69
C GLY D 10 25.66 44.46 7.87
N LEU D 11 26.76 44.94 8.45
CA LEU D 11 26.72 45.91 9.56
C LEU D 11 26.84 47.34 9.02
N VAL D 12 25.97 48.22 9.44
CA VAL D 12 26.01 49.56 8.88
C VAL D 12 25.64 50.58 9.96
N GLN D 13 26.13 51.80 9.74
CA GLN D 13 25.88 52.87 10.68
C GLN D 13 24.51 53.47 10.46
N PRO D 14 23.92 53.99 11.53
CA PRO D 14 22.70 54.74 11.36
C PRO D 14 22.92 55.88 10.37
N GLY D 15 21.96 56.08 9.48
CA GLY D 15 22.07 57.09 8.43
C GLY D 15 22.55 56.53 7.09
N GLY D 16 23.39 55.51 7.11
CA GLY D 16 23.95 54.96 5.89
C GLY D 16 22.96 54.22 4.99
N SER D 17 23.52 53.43 4.07
CA SER D 17 22.73 52.66 3.10
C SER D 17 23.30 51.29 2.69
N LEU D 18 22.42 50.46 2.14
CA LEU D 18 22.72 49.14 1.59
C LEU D 18 21.79 48.86 0.40
N ARG D 19 22.29 48.15 -0.59
CA ARG D 19 21.45 47.57 -1.62
C ARG D 19 21.47 46.08 -1.38
N LEU D 20 20.29 45.48 -1.19
CA LEU D 20 20.18 44.01 -1.15
C LEU D 20 19.90 43.40 -2.56
N SER D 21 20.44 42.21 -2.83
CA SER D 21 20.24 41.47 -4.09
C SER D 21 19.51 40.15 -3.93
N CYS D 22 18.85 39.72 -4.98
CA CYS D 22 18.27 38.42 -4.97
C CYS D 22 18.27 37.87 -6.35
N ALA D 23 18.97 36.76 -6.54
CA ALA D 23 18.90 35.98 -7.76
C ALA D 23 17.73 35.02 -7.68
N ALA D 24 16.77 35.15 -8.60
CA ALA D 24 15.69 34.19 -8.74
C ALA D 24 16.01 33.18 -9.82
N SER D 25 15.51 31.95 -9.65
CA SER D 25 15.61 30.91 -10.70
C SER D 25 14.50 29.82 -10.61
N GLY D 26 14.31 29.12 -11.73
CA GLY D 26 13.21 28.21 -11.89
C GLY D 26 12.06 28.76 -12.70
N SER D 27 10.84 28.47 -12.22
CA SER D 27 9.57 28.79 -12.89
C SER D 27 9.19 30.27 -12.71
N ILE D 28 10.06 31.15 -13.19
CA ILE D 28 9.83 32.59 -13.09
C ILE D 28 8.58 33.01 -13.82
N TYR D 29 8.29 32.36 -14.96
CA TYR D 29 7.00 32.53 -15.66
C TYR D 29 5.75 32.46 -14.76
N SER D 30 5.85 31.74 -13.65
CA SER D 30 4.69 31.48 -12.79
C SER D 30 4.49 32.52 -11.67
N LEU D 31 5.35 33.52 -11.62
CA LEU D 31 5.31 34.44 -10.51
C LEU D 31 4.47 35.64 -10.91
N ILE D 32 3.68 36.19 -9.97
CA ILE D 32 2.85 37.39 -10.26
C ILE D 32 3.41 38.64 -9.60
N ALA D 33 4.40 38.42 -8.75
CA ALA D 33 4.96 39.50 -7.98
C ALA D 33 6.18 38.98 -7.23
N MET D 34 7.05 39.88 -6.82
CA MET D 34 8.15 39.55 -5.95
C MET D 34 8.22 40.61 -4.85
N GLY D 35 9.05 40.42 -3.84
CA GLY D 35 9.12 41.40 -2.74
C GLY D 35 10.16 41.14 -1.68
N TRP D 36 10.07 41.86 -0.58
CA TRP D 36 10.98 41.65 0.54
C TRP D 36 10.22 41.67 1.84
N TYR D 37 10.47 40.67 2.67
CA TYR D 37 9.99 40.67 4.04
C TYR D 37 11.17 40.93 4.92
N ARG D 38 10.89 41.10 6.21
CA ARG D 38 11.93 41.10 7.22
C ARG D 38 11.38 40.62 8.55
N GLN D 39 12.25 40.04 9.37
CA GLN D 39 11.87 39.68 10.72
C GLN D 39 12.98 39.99 11.68
N ALA D 40 12.67 40.73 12.74
CA ALA D 40 13.64 40.96 13.82
C ALA D 40 13.57 39.79 14.81
N PRO D 41 14.70 39.50 15.48
CA PRO D 41 14.74 38.36 16.41
C PRO D 41 13.50 38.25 17.29
N GLY D 42 13.11 39.34 17.95
CA GLY D 42 11.85 39.35 18.75
C GLY D 42 10.54 39.34 17.95
N LYS D 43 10.44 40.24 16.97
CA LYS D 43 9.17 40.59 16.31
C LYS D 43 8.59 39.52 15.37
N GLU D 44 7.38 39.77 14.90
CA GLU D 44 6.77 39.03 13.82
C GLU D 44 7.35 39.53 12.50
N HIS D 45 7.17 38.75 11.45
CA HIS D 45 7.67 39.13 10.12
C HIS D 45 6.86 40.30 9.56
N GLU D 46 7.50 41.13 8.72
CA GLU D 46 6.84 42.28 8.11
C GLU D 46 7.10 42.33 6.62
N LEU D 47 6.06 42.59 5.85
CA LEU D 47 6.22 42.82 4.43
C LEU D 47 6.81 44.21 4.19
N VAL D 48 7.99 44.25 3.59
CA VAL D 48 8.76 45.48 3.41
C VAL D 48 8.38 46.25 2.14
N ALA D 49 8.50 45.61 1.00
CA ALA D 49 8.11 46.17 -0.30
C ALA D 49 7.75 45.08 -1.31
N THR D 50 6.92 45.39 -2.29
CA THR D 50 6.57 44.43 -3.36
C THR D 50 6.58 45.08 -4.71
N ILE D 51 6.72 44.26 -5.75
CA ILE D 51 6.69 44.75 -7.11
C ILE D 51 5.96 43.72 -7.99
N SER D 52 4.99 44.23 -8.71
CA SER D 52 3.98 43.43 -9.33
C SER D 52 4.08 43.60 -10.82
N SER D 53 4.26 42.47 -11.51
CA SER D 53 4.58 42.35 -12.95
C SER D 53 4.31 43.53 -13.91
N GLY D 54 3.35 44.40 -13.60
CA GLY D 54 3.16 45.69 -14.30
C GLY D 54 4.16 46.78 -13.92
N SER D 55 5.07 46.48 -12.97
CA SER D 55 6.04 47.44 -12.36
C SER D 55 5.42 48.35 -11.27
N THR D 56 4.33 47.87 -10.69
CA THR D 56 3.61 48.59 -9.67
C THR D 56 4.09 48.20 -8.30
N THR D 57 4.54 49.19 -7.53
CA THR D 57 5.21 48.97 -6.25
C THR D 57 4.29 49.15 -5.02
N TYR D 58 4.57 48.40 -3.96
CA TYR D 58 4.02 48.67 -2.64
C TYR D 58 5.18 48.74 -1.66
N TYR D 59 5.04 49.65 -0.70
CA TYR D 59 6.00 49.86 0.36
C TYR D 59 5.27 49.96 1.65
N ALA D 60 5.82 49.33 2.66
CA ALA D 60 5.35 49.51 4.01
C ALA D 60 5.59 50.94 4.47
N ASP D 61 4.55 51.58 5.03
CA ASP D 61 4.72 52.82 5.82
C ASP D 61 5.78 52.44 6.85
N SER D 62 6.87 53.19 6.90
CA SER D 62 8.01 52.89 7.82
C SER D 62 9.25 52.81 6.99
N VAL D 63 9.11 52.33 5.75
CA VAL D 63 10.21 52.34 4.79
C VAL D 63 9.91 53.26 3.61
N LYS D 64 8.64 53.55 3.38
CA LYS D 64 8.19 54.41 2.29
C LYS D 64 8.94 55.73 2.32
N GLY D 65 9.64 56.04 1.23
CA GLY D 65 10.49 57.21 1.13
C GLY D 65 11.96 56.84 1.24
N ARG D 66 12.30 55.92 2.14
CA ARG D 66 13.70 55.60 2.42
C ARG D 66 14.19 54.42 1.58
N PHE D 67 13.29 53.54 1.14
CA PHE D 67 13.67 52.26 0.47
C PHE D 67 13.06 52.14 -0.94
N THR D 68 13.79 51.54 -1.87
CA THR D 68 13.35 51.42 -3.26
C THR D 68 13.45 49.96 -3.65
N ILE D 69 12.34 49.43 -4.20
CA ILE D 69 12.32 48.07 -4.81
C ILE D 69 12.44 48.23 -6.33
N SER D 70 12.90 47.18 -7.02
CA SER D 70 13.46 47.32 -8.36
C SER D 70 13.90 45.94 -8.91
N ARG D 71 13.65 45.66 -10.19
CA ARG D 71 14.08 44.38 -10.83
C ARG D 71 15.07 44.63 -11.95
N ASP D 72 15.74 43.58 -12.36
CA ASP D 72 16.41 43.53 -13.64
C ASP D 72 15.96 42.27 -14.33
N ASN D 73 14.91 42.40 -15.12
CA ASN D 73 14.29 41.27 -15.83
C ASN D 73 15.28 40.38 -16.57
N ALA D 74 16.26 41.03 -17.21
CA ALA D 74 17.30 40.35 -18.00
C ALA D 74 18.12 39.38 -17.15
N LYS D 75 18.51 39.83 -15.95
CA LYS D 75 19.30 38.99 -15.06
C LYS D 75 18.45 38.24 -14.01
N ASN D 76 17.12 38.26 -14.14
CA ASN D 76 16.23 37.65 -13.15
C ASN D 76 16.57 38.06 -11.70
N THR D 77 16.87 39.35 -11.45
CA THR D 77 17.38 39.78 -10.16
C THR D 77 16.55 40.87 -9.53
N LEU D 78 16.36 40.76 -8.21
CA LEU D 78 15.53 41.66 -7.44
C LEU D 78 16.42 42.44 -6.48
N TYR D 79 16.21 43.77 -6.45
CA TYR D 79 17.02 44.68 -5.63
C TYR D 79 16.18 45.34 -4.58
N LEU D 80 16.83 45.71 -3.45
CA LEU D 80 16.23 46.61 -2.44
C LEU D 80 17.26 47.66 -1.98
N GLN D 81 17.19 48.86 -2.55
CA GLN D 81 17.99 49.99 -2.09
C GLN D 81 17.42 50.49 -0.79
N MET D 82 18.25 50.59 0.25
CA MET D 82 17.80 51.00 1.59
C MET D 82 18.62 52.22 2.04
N ASN D 83 17.99 53.39 2.13
CA ASN D 83 18.70 54.64 2.47
C ASN D 83 18.28 55.14 3.83
N SER D 84 19.13 55.96 4.43
CA SER D 84 18.87 56.52 5.76
C SER D 84 18.41 55.45 6.76
N LEU D 85 19.24 54.43 6.95
CA LEU D 85 18.92 53.36 7.92
C LEU D 85 18.86 53.82 9.39
N LYS D 86 17.88 53.30 10.12
CA LYS D 86 17.72 53.51 11.55
C LYS D 86 17.87 52.14 12.23
N PRO D 87 18.34 52.11 13.51
CA PRO D 87 18.53 50.85 14.26
C PRO D 87 17.29 49.95 14.25
N GLU D 88 16.11 50.56 14.20
CA GLU D 88 14.84 49.82 14.07
C GLU D 88 14.71 49.00 12.77
N ASP D 89 15.61 49.17 11.80
CA ASP D 89 15.65 48.31 10.59
C ASP D 89 16.43 46.96 10.75
N THR D 90 17.08 46.76 11.90
CA THR D 90 17.83 45.54 12.14
C THR D 90 16.92 44.32 12.07
N ALA D 91 17.22 43.44 11.14
CA ALA D 91 16.44 42.23 10.98
C ALA D 91 17.04 41.38 9.87
N MET D 92 16.53 40.14 9.79
CA MET D 92 16.76 39.26 8.66
C MET D 92 15.85 39.73 7.55
N TYR D 93 16.42 40.05 6.39
CA TYR D 93 15.62 40.41 5.25
C TYR D 93 15.49 39.21 4.32
N TYR D 94 14.25 38.85 4.00
CA TYR D 94 14.00 37.73 3.04
C TYR D 94 13.47 38.19 1.67
N CYS D 95 14.14 37.71 0.63
CA CYS D 95 13.64 37.80 -0.73
C CYS D 95 12.47 36.84 -0.85
N ALA D 96 11.43 37.25 -1.57
CA ALA D 96 10.24 36.43 -1.64
C ALA D 96 9.53 36.55 -2.97
N ALA D 97 8.61 35.63 -3.23
CA ALA D 97 7.80 35.68 -4.43
C ALA D 97 6.42 35.01 -4.27
N TYR D 98 5.51 35.46 -5.16
CA TYR D 98 4.12 35.03 -5.21
C TYR D 98 3.85 34.35 -6.54
N SER D 99 3.52 33.05 -6.45
CA SER D 99 3.18 32.21 -7.62
C SER D 99 1.79 32.57 -8.05
N ASP D 100 1.44 32.19 -9.29
CA ASP D 100 0.11 32.50 -9.84
C ASP D 100 -1.03 31.76 -9.12
N ARG D 101 -0.71 30.83 -8.23
CA ARG D 101 -1.78 30.21 -7.42
C ARG D 101 -2.47 31.24 -6.50
N LEU D 102 -1.74 32.30 -6.20
CA LEU D 102 -2.21 33.32 -5.29
C LEU D 102 -2.94 34.46 -5.98
N THR D 103 -3.25 34.28 -7.27
CA THR D 103 -3.81 35.30 -8.14
C THR D 103 -4.97 36.09 -7.56
N ASP D 104 -6.03 35.44 -7.13
CA ASP D 104 -7.21 36.21 -6.73
C ASP D 104 -7.11 36.70 -5.29
N CYS D 105 -6.13 36.18 -4.54
CA CYS D 105 -5.94 36.47 -3.11
C CYS D 105 -4.99 37.68 -2.86
N SER D 106 -5.58 38.81 -2.48
CA SER D 106 -4.85 40.08 -2.33
C SER D 106 -3.97 40.18 -1.08
N ASN D 107 -4.32 39.46 -0.01
CA ASN D 107 -3.55 39.46 1.24
C ASN D 107 -2.88 38.11 1.62
N CYS D 108 -2.74 37.21 0.66
CA CYS D 108 -2.00 35.96 0.88
C CYS D 108 -0.56 36.30 1.00
N GLU D 109 0.21 35.55 1.77
CA GLU D 109 1.65 35.81 1.79
C GLU D 109 2.44 34.94 0.82
N ALA D 110 3.59 35.47 0.41
CA ALA D 110 4.40 34.85 -0.64
C ALA D 110 4.62 33.37 -0.37
N ASP D 111 4.59 32.57 -1.44
CA ASP D 111 4.75 31.14 -1.31
C ASP D 111 6.10 30.67 -1.76
N TYR D 112 7.00 31.60 -2.09
CA TYR D 112 8.44 31.25 -2.30
C TYR D 112 9.33 32.19 -1.51
N TRP D 113 10.38 31.66 -0.88
CA TRP D 113 11.19 32.46 0.02
C TRP D 113 12.65 32.11 -0.06
N GLY D 114 13.53 33.11 0.04
CA GLY D 114 14.99 32.87 0.14
C GLY D 114 15.37 32.44 1.54
N GLN D 115 16.67 32.26 1.80
CA GLN D 115 17.18 31.80 3.11
C GLN D 115 17.44 33.02 4.04
N GLY D 116 17.17 34.23 3.56
CA GLY D 116 17.35 35.45 4.30
C GLY D 116 18.80 35.93 4.42
N THR D 117 18.98 37.24 4.54
CA THR D 117 20.28 37.87 4.78
C THR D 117 20.17 38.93 5.94
N GLN D 118 21.20 39.01 6.77
CA GLN D 118 21.15 39.85 7.99
C GLN D 118 21.60 41.31 7.76
N VAL D 119 20.77 42.24 8.21
CA VAL D 119 21.10 43.67 8.17
C VAL D 119 21.07 44.22 9.59
N THR D 120 22.22 44.62 10.15
CA THR D 120 22.22 45.20 11.48
C THR D 120 22.68 46.64 11.39
N VAL D 121 21.85 47.55 11.87
CA VAL D 121 22.24 48.94 12.02
C VAL D 121 22.62 49.19 13.47
N SER D 122 23.80 49.73 13.74
CA SER D 122 24.23 50.08 15.13
C SER D 122 23.16 50.87 15.93
N HIS D 123 23.30 50.96 17.27
CA HIS D 123 22.51 51.89 18.10
C HIS D 123 23.04 53.31 17.83
N HIS D 124 22.39 54.33 18.41
CA HIS D 124 22.95 55.68 18.44
C HIS D 124 23.78 55.90 19.66
#